data_8X7K
#
_entry.id   8X7K
#
_cell.length_a   1.00
_cell.length_b   1.00
_cell.length_c   1.00
_cell.angle_alpha   90.00
_cell.angle_beta   90.00
_cell.angle_gamma   90.00
#
_symmetry.space_group_name_H-M   'P 1'
#
loop_
_entity.id
_entity.type
_entity.pdbx_description
1 polymer 'Histone H3.2'
2 polymer 'Histone H4'
3 polymer 'Histone H2A type 1-B/E'
4 polymer 'Histone H2B type 1-K'
5 polymer 'Histone H2A type 1-B/E'
6 polymer 'DNA (143-MER)'
7 polymer 'DNA (143-MER)'
8 polymer 'Ubiquitin-conjugating enzyme E2 D3'
9 polymer 'E3 ubiquitin-protein ligase RNF168'
10 non-polymer 'ZINC ION'
#
loop_
_entity_poly.entity_id
_entity_poly.type
_entity_poly.pdbx_seq_one_letter_code
_entity_poly.pdbx_strand_id
1 'polypeptide(L)'
;PHRYRPGTVALREIRRYQKSTELLIRKLPFQRLVREIAQDFKTDLRFQSSAVMALQEASEAYLVGLFEDTNLSAIHAKRV
TIMPKDIQLARRIRGER
;
A,E
2 'polypeptide(L)'
;KVLRDNIQGITKPAIRRLARRGGVKRISGLIYEETRGVLKVFLENVIRDAVTYTEHAKRKTVTAMDVVYALKRQGRTLYG
FG
;
B,F
3 'polypeptide(L)'
;ACTRSSRAGLQFPVGRVHRLLRKGNYSERVGAGAPVYLAAVLEYLTAEILELAGNAARDNKKTRIIPRHLQLAIRNDEEL
NKLLGRVTIAQGGVLPNIQAVLLPK
;
C
4 'polypeptide(L)'
;RSRKESYSVYVYKVLKQVHPDTGISSKAMGIMNSFVNDIFERIAGEASRLAHYNKRSTITSREIQTAVRLLLPGELAKHA
VSEGTKAVTKYTSA
;
D,H
5 'polypeptide(L)'
;ARAKAKTRSSRAGLQFPVGRVHRLLRKGNYSERVGAGAPVYLAAVLEYLTAEILELAGNAARDNKKTRIIPRHLQLAIRN
DEELNKLLGRVTIAQGGVLPNIQAVLLP
;
G
6 'polydeoxyribonucleotide'
;(DC)(DA)(DG)(DG)(DA)(DT)(DG)(DT)(DA)(DT)(DA)(DT)(DA)(DT)(DC)(DT)(DG)(DA)(DC)(DA)
(DC)(DG)(DT)(DG)(DC)(DC)(DT)(DG)(DG)(DA)(DG)(DA)(DC)(DT)(DA)(DG)(DG)(DG)(DA)(DG)
(DT)(DA)(DA)(DT)(DC)(DC)(DC)(DC)(DT)(DT)(DG)(DG)(DC)(DG)(DG)(DT)(DT)(DA)(DA)(DA)
(DA)(DC)(DG)(DC)(DG)(DG)(DG)(DG)(DG)(DA)(DC)(DA)(DG)(DC)(DG)(DC)(DG)(DT)(DA)(DC)
(DG)(DT)(DG)(DC)(DG)(DT)(DT)(DT)(DA)(DA)(DG)(DC)(DG)(DG)(DT)(DG)(DC)(DT)(DA)(DG)
(DA)(DG)(DC)(DT)(DG)(DT)(DC)(DT)(DA)(DC)(DG)(DA)(DC)(DC)(DA)(DA)(DT)(DT)(DG)(DA)
(DG)(DC)(DG)(DG)(DC)(DC)(DT)(DC)(DG)(DG)(DC)(DA)(DC)(DC)(DG)(DG)(DG)(DA)(DT)(DT)
(DC)(DT)(DC)
;
I
7 'polydeoxyribonucleotide'
;(DG)(DA)(DG)(DA)(DA)(DT)(DC)(DC)(DC)(DG)(DG)(DT)(DG)(DC)(DC)(DG)(DA)(DG)(DG)(DC)
(DC)(DG)(DC)(DT)(DC)(DA)(DA)(DT)(DT)(DG)(DG)(DT)(DC)(DG)(DT)(DA)(DG)(DA)(DC)(DA)
(DG)(DC)(DT)(DC)(DT)(DA)(DG)(DC)(DA)(DC)(DC)(DG)(DC)(DT)(DT)(DA)(DA)(DA)(DC)(DG)
(DC)(DA)(DC)(DG)(DT)(DA)(DC)(DG)(DC)(DG)(DC)(DT)(DG)(DT)(DC)(DC)(DC)(DC)(DC)(DG)
(DC)(DG)(DT)(DT)(DT)(DT)(DA)(DA)(DC)(DC)(DG)(DC)(DC)(DA)(DA)(DG)(DG)(DG)(DG)(DA)
(DT)(DT)(DA)(DC)(DT)(DC)(DC)(DC)(DT)(DA)(DG)(DT)(DC)(DT)(DC)(DC)(DA)(DG)(DG)(DC)
(DA)(DC)(DG)(DT)(DG)(DT)(DC)(DA)(DG)(DA)(DT)(DA)(DT)(DA)(DT)(DA)(DC)(DA)(DT)(DC)
(DC)(DT)(DG)
;
J
8 'polypeptide(L)'
;MALKRINKELSDLARDPPAQSSAGPVGDDMFHWQATIMGPNDSPYQGGVFFLTIHFPTDYPFKPPKVAFTTRIYHPNINS
NGSICLDILRSQWSPALTISKVLLSISSLLSDPNPDDPLVPEIARIYKTDRDKYNRISREWTQKYAM
;
K
9 'polypeptide(L)'
;MALPKDAIPSLSECQCGICMEILVEPVTLPCNHTLCKPCFQSTVEKASLCCPFCRRRVSSWTRYHTRRNSLVNVELWTII
QKHYPRECKLRASGQESEEVADDYQPVRLLSKP
;
L
#
loop_
_chem_comp.id
_chem_comp.type
_chem_comp.name
_chem_comp.formula
DA DNA linking 2'-DEOXYADENOSINE-5'-MONOPHOSPHATE 'C10 H14 N5 O6 P'
DC DNA linking 2'-DEOXYCYTIDINE-5'-MONOPHOSPHATE 'C9 H14 N3 O7 P'
DG DNA linking 2'-DEOXYGUANOSINE-5'-MONOPHOSPHATE 'C10 H14 N5 O7 P'
DT DNA linking THYMIDINE-5'-MONOPHOSPHATE 'C10 H15 N2 O8 P'
ZN non-polymer 'ZINC ION' 'Zn 2'
#
# COMPACT_ATOMS: atom_id res chain seq x y z
N HIS A 2 43.85 -38.10 -13.52
CA HIS A 2 43.52 -37.49 -12.22
C HIS A 2 42.26 -36.65 -12.30
N ARG A 3 41.15 -37.20 -11.80
CA ARG A 3 39.88 -36.50 -11.77
C ARG A 3 39.36 -36.48 -10.34
N TYR A 4 38.84 -35.34 -9.93
CA TYR A 4 38.20 -35.24 -8.63
C TYR A 4 36.83 -35.90 -8.65
N ARG A 5 36.46 -36.48 -7.52
CA ARG A 5 35.12 -37.02 -7.39
C ARG A 5 34.11 -35.88 -7.49
N PRO A 6 32.94 -36.11 -8.09
CA PRO A 6 31.95 -35.04 -8.22
C PRO A 6 31.53 -34.50 -6.86
N GLY A 7 31.41 -33.18 -6.77
CA GLY A 7 31.04 -32.49 -5.56
C GLY A 7 32.20 -31.90 -4.80
N THR A 8 33.41 -32.42 -4.98
CA THR A 8 34.56 -31.88 -4.29
C THR A 8 34.92 -30.49 -4.81
N VAL A 9 35.00 -30.35 -6.14
CA VAL A 9 35.25 -29.03 -6.71
C VAL A 9 34.06 -28.12 -6.43
N ALA A 10 32.87 -28.68 -6.33
CA ALA A 10 31.70 -27.87 -5.95
C ALA A 10 31.88 -27.30 -4.55
N LEU A 11 32.34 -28.12 -3.61
CA LEU A 11 32.57 -27.61 -2.26
C LEU A 11 33.68 -26.57 -2.24
N ARG A 12 34.75 -26.80 -3.00
CA ARG A 12 35.84 -25.84 -3.00
C ARG A 12 35.40 -24.51 -3.59
N GLU A 13 34.57 -24.54 -4.64
CA GLU A 13 34.11 -23.29 -5.21
C GLU A 13 33.04 -22.62 -4.36
N ILE A 14 32.27 -23.40 -3.59
CA ILE A 14 31.39 -22.81 -2.59
C ILE A 14 32.22 -22.03 -1.57
N ARG A 15 33.30 -22.64 -1.08
CA ARG A 15 34.17 -21.95 -0.14
C ARG A 15 34.79 -20.71 -0.78
N ARG A 16 35.20 -20.81 -2.03
CA ARG A 16 35.82 -19.67 -2.71
C ARG A 16 34.84 -18.51 -2.86
N TYR A 17 33.63 -18.78 -3.36
CA TYR A 17 32.68 -17.72 -3.63
C TYR A 17 32.04 -17.18 -2.37
N GLN A 18 31.98 -17.96 -1.30
CA GLN A 18 31.46 -17.43 -0.04
C GLN A 18 32.44 -16.48 0.63
N LYS A 19 33.68 -16.40 0.16
CA LYS A 19 34.67 -15.51 0.75
C LYS A 19 34.87 -14.22 -0.01
N SER A 20 34.69 -14.23 -1.33
CA SER A 20 34.87 -13.03 -2.14
C SER A 20 33.60 -12.19 -2.12
N THR A 21 33.77 -10.89 -2.36
CA THR A 21 32.66 -9.95 -2.40
C THR A 21 32.43 -9.37 -3.79
N GLU A 22 33.09 -9.91 -4.80
CA GLU A 22 32.95 -9.40 -6.15
C GLU A 22 31.57 -9.72 -6.71
N LEU A 23 31.26 -9.10 -7.83
CA LEU A 23 30.01 -9.39 -8.53
C LEU A 23 30.17 -10.62 -9.41
N LEU A 24 29.12 -11.42 -9.49
CA LEU A 24 29.16 -12.69 -10.18
C LEU A 24 28.43 -12.70 -11.52
N ILE A 25 27.98 -11.54 -11.99
CA ILE A 25 27.30 -11.44 -13.26
C ILE A 25 28.07 -10.45 -14.13
N ARG A 26 28.10 -10.71 -15.43
CA ARG A 26 28.84 -9.85 -16.34
C ARG A 26 28.12 -8.51 -16.51
N LYS A 27 28.86 -7.42 -16.29
CA LYS A 27 28.26 -6.10 -16.19
C LYS A 27 27.59 -5.69 -17.50
N LEU A 28 28.24 -5.95 -18.63
CA LEU A 28 27.67 -5.51 -19.91
C LEU A 28 26.34 -6.18 -20.22
N PRO A 29 26.22 -7.52 -20.19
CA PRO A 29 24.90 -8.10 -20.42
C PRO A 29 23.90 -7.76 -19.35
N PHE A 30 24.33 -7.59 -18.09
CA PHE A 30 23.37 -7.15 -17.08
C PHE A 30 22.81 -5.78 -17.41
N GLN A 31 23.66 -4.86 -17.85
CA GLN A 31 23.20 -3.52 -18.21
C GLN A 31 22.28 -3.58 -19.43
N ARG A 32 22.61 -4.43 -20.40
CA ARG A 32 21.73 -4.57 -21.55
C ARG A 32 20.36 -5.07 -21.12
N LEU A 33 20.33 -6.04 -20.20
CA LEU A 33 19.06 -6.52 -19.68
C LEU A 33 18.29 -5.42 -18.98
N VAL A 34 18.98 -4.61 -18.17
CA VAL A 34 18.32 -3.53 -17.45
C VAL A 34 17.68 -2.55 -18.43
N ARG A 35 18.44 -2.13 -19.45
CA ARG A 35 17.88 -1.21 -20.43
C ARG A 35 16.72 -1.82 -21.18
N GLU A 36 16.84 -3.11 -21.56
CA GLU A 36 15.78 -3.77 -22.29
C GLU A 36 14.49 -3.81 -21.46
N ILE A 37 14.61 -4.11 -20.17
CA ILE A 37 13.43 -4.09 -19.31
C ILE A 37 12.87 -2.69 -19.20
N ALA A 38 13.73 -1.70 -19.01
CA ALA A 38 13.28 -0.33 -18.83
C ALA A 38 12.61 0.23 -20.08
N GLN A 39 12.84 -0.37 -21.25
CA GLN A 39 12.18 0.10 -22.46
C GLN A 39 10.66 0.06 -22.35
N ASP A 40 10.11 -0.87 -21.57
CA ASP A 40 8.67 -1.06 -21.51
C ASP A 40 7.93 0.05 -20.77
N PHE A 41 8.65 0.96 -20.11
CA PHE A 41 8.02 2.01 -19.33
C PHE A 41 8.21 3.38 -19.98
N LYS A 42 9.45 3.78 -20.21
CA LYS A 42 9.73 5.01 -20.94
C LYS A 42 10.81 4.73 -21.96
N THR A 43 10.63 5.25 -23.18
CA THR A 43 11.64 5.08 -24.20
C THR A 43 12.83 5.99 -23.92
N ASP A 44 13.94 5.69 -24.61
CA ASP A 44 15.17 6.48 -24.59
C ASP A 44 15.56 6.98 -23.21
N LEU A 45 15.43 6.14 -22.19
CA LEU A 45 15.90 6.52 -20.87
C LEU A 45 17.41 6.40 -20.79
N ARG A 46 17.98 7.10 -19.80
CA ARG A 46 19.41 7.10 -19.57
C ARG A 46 19.68 6.72 -18.12
N PHE A 47 20.77 6.00 -17.91
CA PHE A 47 21.08 5.45 -16.60
C PHE A 47 22.45 5.92 -16.15
N GLN A 48 22.57 6.16 -14.85
CA GLN A 48 23.87 6.41 -14.24
C GLN A 48 24.57 5.08 -13.97
N SER A 49 25.89 5.09 -14.16
CA SER A 49 26.68 3.90 -13.86
C SER A 49 26.45 3.46 -12.42
N SER A 50 26.36 4.41 -11.49
CA SER A 50 26.09 4.07 -10.11
C SER A 50 24.74 3.41 -9.95
N ALA A 51 23.74 3.90 -10.68
CA ALA A 51 22.41 3.28 -10.62
C ALA A 51 22.46 1.84 -11.10
N VAL A 52 23.16 1.59 -12.21
CA VAL A 52 23.25 0.22 -12.72
C VAL A 52 23.98 -0.67 -11.73
N MET A 53 25.05 -0.16 -11.13
CA MET A 53 25.79 -0.97 -10.16
C MET A 53 24.93 -1.29 -8.95
N ALA A 54 24.14 -0.32 -8.48
CA ALA A 54 23.24 -0.57 -7.36
C ALA A 54 22.20 -1.62 -7.71
N LEU A 55 21.67 -1.54 -8.93
CA LEU A 55 20.72 -2.56 -9.38
C LEU A 55 21.36 -3.94 -9.37
N GLN A 56 22.59 -4.04 -9.86
CA GLN A 56 23.26 -5.33 -9.88
C GLN A 56 23.50 -5.86 -8.48
N GLU A 57 23.92 -4.99 -7.57
CA GLU A 57 24.13 -5.40 -6.18
C GLU A 57 22.84 -5.95 -5.59
N ALA A 58 21.74 -5.22 -5.75
CA ALA A 58 20.48 -5.66 -5.18
C ALA A 58 20.03 -6.97 -5.79
N SER A 59 20.15 -7.11 -7.12
CA SER A 59 19.74 -8.34 -7.79
C SER A 59 20.55 -9.52 -7.31
N GLU A 60 21.87 -9.37 -7.20
CA GLU A 60 22.70 -10.48 -6.75
C GLU A 60 22.38 -10.86 -5.32
N ALA A 61 22.16 -9.87 -4.44
CA ALA A 61 21.80 -10.19 -3.07
C ALA A 61 20.48 -10.95 -3.01
N TYR A 62 19.50 -10.50 -3.79
CA TYR A 62 18.21 -11.17 -3.80
C TYR A 62 18.34 -12.61 -4.28
N LEU A 63 19.08 -12.82 -5.36
CA LEU A 63 19.22 -14.18 -5.88
C LEU A 63 19.97 -15.07 -4.92
N VAL A 64 20.99 -14.55 -4.25
CA VAL A 64 21.72 -15.36 -3.28
C VAL A 64 20.80 -15.76 -2.13
N GLY A 65 20.00 -14.82 -1.63
CA GLY A 65 19.07 -15.17 -0.57
C GLY A 65 18.06 -16.22 -1.00
N LEU A 66 17.53 -16.06 -2.22
CA LEU A 66 16.57 -17.03 -2.73
C LEU A 66 17.20 -18.41 -2.85
N PHE A 67 18.46 -18.46 -3.32
CA PHE A 67 19.13 -19.74 -3.44
C PHE A 67 19.39 -20.37 -2.07
N GLU A 68 19.73 -19.57 -1.07
CA GLU A 68 19.85 -20.10 0.28
C GLU A 68 18.54 -20.75 0.72
N ASP A 69 17.43 -20.04 0.54
CA ASP A 69 16.14 -20.58 0.97
C ASP A 69 15.79 -21.85 0.21
N THR A 70 16.02 -21.87 -1.10
CA THR A 70 15.64 -23.04 -1.88
C THR A 70 16.55 -24.22 -1.58
N ASN A 71 17.82 -23.98 -1.27
CA ASN A 71 18.69 -25.07 -0.84
C ASN A 71 18.22 -25.63 0.49
N LEU A 72 17.80 -24.76 1.40
CA LEU A 72 17.27 -25.23 2.67
C LEU A 72 16.04 -26.10 2.46
N SER A 73 15.15 -25.67 1.56
CA SER A 73 13.95 -26.46 1.28
C SER A 73 14.32 -27.80 0.66
N ALA A 74 15.27 -27.81 -0.27
CA ALA A 74 15.69 -29.06 -0.90
C ALA A 74 16.25 -30.02 0.13
N ILE A 75 17.06 -29.51 1.06
CA ILE A 75 17.57 -30.36 2.13
C ILE A 75 16.42 -30.89 2.96
N HIS A 76 15.44 -30.04 3.26
CA HIS A 76 14.25 -30.50 3.98
C HIS A 76 13.56 -31.64 3.25
N ALA A 77 13.57 -31.62 1.93
CA ALA A 77 13.01 -32.72 1.16
C ALA A 77 13.90 -33.95 1.13
N LYS A 78 15.00 -33.94 1.89
CA LYS A 78 15.93 -35.06 1.98
C LYS A 78 16.55 -35.39 0.62
N ARG A 79 17.14 -34.36 0.00
CA ARG A 79 17.94 -34.54 -1.19
C ARG A 79 18.83 -33.32 -1.34
N VAL A 80 19.83 -33.44 -2.20
CA VAL A 80 20.86 -32.41 -2.33
C VAL A 80 20.77 -31.62 -3.63
N THR A 81 19.87 -31.97 -4.53
CA THR A 81 19.73 -31.27 -5.80
C THR A 81 18.55 -30.32 -5.71
N ILE A 82 18.80 -29.03 -5.89
CA ILE A 82 17.72 -28.05 -5.90
C ILE A 82 16.91 -28.22 -7.18
N MET A 83 15.62 -27.95 -7.09
CA MET A 83 14.71 -28.16 -8.21
C MET A 83 13.72 -27.01 -8.31
N PRO A 84 13.15 -26.81 -9.50
CA PRO A 84 12.21 -25.69 -9.67
C PRO A 84 11.04 -25.76 -8.70
N LYS A 85 10.61 -26.95 -8.32
CA LYS A 85 9.58 -27.04 -7.29
C LYS A 85 10.08 -26.47 -5.96
N ASP A 86 11.35 -26.70 -5.63
CA ASP A 86 11.91 -26.11 -4.43
C ASP A 86 11.93 -24.59 -4.52
N ILE A 87 12.31 -24.05 -5.68
CA ILE A 87 12.32 -22.60 -5.83
C ILE A 87 10.92 -22.04 -5.68
N GLN A 88 9.93 -22.70 -6.31
CA GLN A 88 8.56 -22.24 -6.23
C GLN A 88 8.06 -22.28 -4.81
N LEU A 89 8.39 -23.35 -4.08
CA LEU A 89 7.98 -23.43 -2.67
C LEU A 89 8.57 -22.29 -1.86
N ALA A 90 9.86 -22.01 -2.06
CA ALA A 90 10.49 -20.94 -1.30
C ALA A 90 9.83 -19.60 -1.60
N ARG A 91 9.59 -19.32 -2.87
CA ARG A 91 8.98 -18.04 -3.22
C ARG A 91 7.55 -17.94 -2.69
N ARG A 92 6.79 -19.03 -2.75
CA ARG A 92 5.42 -19.00 -2.26
C ARG A 92 5.38 -18.79 -0.75
N ILE A 93 6.28 -19.45 -0.01
CA ILE A 93 6.29 -19.28 1.43
C ILE A 93 6.74 -17.86 1.80
N ARG A 94 7.72 -17.32 1.07
CA ARG A 94 8.12 -15.95 1.32
C ARG A 94 7.04 -14.94 0.95
N GLY A 95 6.00 -15.38 0.25
CA GLY A 95 4.90 -14.50 -0.10
C GLY A 95 5.10 -13.68 -1.35
N GLU A 96 6.16 -13.94 -2.12
CA GLU A 96 6.38 -13.19 -3.34
C GLU A 96 5.38 -13.54 -4.43
N ARG A 97 4.62 -14.62 -4.26
CA ARG A 97 3.68 -15.06 -5.27
C ARG A 97 2.55 -15.87 -4.66
N VAL B 2 15.98 -0.68 -30.73
CA VAL B 2 15.29 -1.65 -29.89
C VAL B 2 16.13 -2.92 -29.78
N LEU B 3 15.90 -3.69 -28.71
CA LEU B 3 16.66 -4.91 -28.47
C LEU B 3 15.74 -5.93 -27.81
N ARG B 4 16.13 -7.20 -27.90
CA ARG B 4 15.32 -8.29 -27.36
C ARG B 4 16.23 -9.46 -27.05
N ASP B 5 15.70 -10.39 -26.25
CA ASP B 5 16.39 -11.62 -25.87
C ASP B 5 17.70 -11.33 -25.16
N ASN B 6 17.71 -10.30 -24.33
CA ASN B 6 18.87 -10.01 -23.49
C ASN B 6 18.88 -10.83 -22.21
N ILE B 7 17.78 -11.51 -21.89
CA ILE B 7 17.72 -12.29 -20.67
C ILE B 7 18.68 -13.46 -20.73
N GLN B 8 18.98 -13.97 -21.92
CA GLN B 8 19.95 -15.04 -22.07
C GLN B 8 21.37 -14.58 -21.74
N GLY B 9 21.59 -13.28 -21.60
CA GLY B 9 22.90 -12.80 -21.18
C GLY B 9 23.31 -13.32 -19.83
N ILE B 10 22.35 -13.60 -18.95
CA ILE B 10 22.66 -14.22 -17.66
C ILE B 10 23.01 -15.67 -17.91
N THR B 11 24.30 -15.97 -17.94
CA THR B 11 24.77 -17.27 -18.37
C THR B 11 24.53 -18.33 -17.30
N LYS B 12 24.43 -19.57 -17.77
CA LYS B 12 24.36 -20.71 -16.86
C LYS B 12 25.52 -20.75 -15.88
N PRO B 13 26.79 -20.54 -16.28
CA PRO B 13 27.85 -20.46 -15.27
C PRO B 13 27.66 -19.33 -14.28
N ALA B 14 27.09 -18.20 -14.71
CA ALA B 14 26.84 -17.12 -13.76
C ALA B 14 25.80 -17.52 -12.72
N ILE B 15 24.71 -18.15 -13.17
CA ILE B 15 23.71 -18.66 -12.23
C ILE B 15 24.35 -19.69 -11.30
N ARG B 16 25.23 -20.52 -11.84
CA ARG B 16 25.90 -21.52 -11.02
C ARG B 16 26.76 -20.87 -9.96
N ARG B 17 27.49 -19.81 -10.31
CA ARG B 17 28.29 -19.09 -9.32
C ARG B 17 27.40 -18.48 -8.25
N LEU B 18 26.26 -17.93 -8.65
CA LEU B 18 25.34 -17.38 -7.66
C LEU B 18 24.88 -18.47 -6.69
N ALA B 19 24.49 -19.62 -7.21
CA ALA B 19 24.04 -20.71 -6.35
C ALA B 19 25.16 -21.19 -5.44
N ARG B 20 26.39 -21.27 -5.98
CA ARG B 20 27.51 -21.69 -5.17
C ARG B 20 27.74 -20.73 -4.00
N ARG B 21 27.66 -19.43 -4.26
CA ARG B 21 27.73 -18.47 -3.15
C ARG B 21 26.56 -18.68 -2.20
N GLY B 22 25.41 -19.09 -2.72
CA GLY B 22 24.28 -19.40 -1.86
C GLY B 22 24.46 -20.65 -1.03
N GLY B 23 25.44 -21.48 -1.37
CA GLY B 23 25.70 -22.69 -0.61
C GLY B 23 24.97 -23.89 -1.16
N VAL B 24 24.88 -23.99 -2.48
CA VAL B 24 24.20 -25.09 -3.16
C VAL B 24 25.25 -26.05 -3.70
N LYS B 25 25.09 -27.34 -3.38
CA LYS B 25 26.09 -28.31 -3.78
C LYS B 25 25.83 -28.85 -5.19
N ARG B 26 24.58 -29.18 -5.49
CA ARG B 26 24.23 -29.78 -6.77
C ARG B 26 22.98 -29.11 -7.32
N ILE B 27 22.97 -28.88 -8.63
CA ILE B 27 21.97 -28.05 -9.28
C ILE B 27 21.30 -28.83 -10.39
N SER B 28 19.97 -28.81 -10.41
CA SER B 28 19.24 -29.46 -11.48
C SER B 28 19.38 -28.68 -12.78
N GLY B 29 18.97 -29.31 -13.88
CA GLY B 29 19.07 -28.67 -15.17
C GLY B 29 17.98 -27.67 -15.47
N LEU B 30 16.85 -27.74 -14.78
CA LEU B 30 15.74 -26.85 -15.03
C LEU B 30 15.76 -25.60 -14.16
N ILE B 31 16.76 -25.46 -13.30
CA ILE B 31 16.81 -24.31 -12.41
C ILE B 31 17.04 -23.02 -13.18
N TYR B 32 17.65 -23.10 -14.36
CA TYR B 32 18.12 -21.90 -15.03
C TYR B 32 16.98 -21.07 -15.58
N GLU B 33 16.00 -21.71 -16.20
CA GLU B 33 14.86 -20.96 -16.71
C GLU B 33 14.08 -20.32 -15.56
N GLU B 34 13.91 -21.05 -14.46
CA GLU B 34 13.24 -20.49 -13.30
C GLU B 34 13.98 -19.28 -12.78
N THR B 35 15.31 -19.36 -12.70
CA THR B 35 16.09 -18.22 -12.22
C THR B 35 15.95 -17.03 -13.16
N ARG B 36 15.97 -17.28 -14.47
CA ARG B 36 15.75 -16.20 -15.42
C ARG B 36 14.42 -15.51 -15.16
N GLY B 37 13.35 -16.30 -15.01
CA GLY B 37 12.04 -15.70 -14.78
C GLY B 37 11.98 -14.92 -13.49
N VAL B 38 12.56 -15.47 -12.41
CA VAL B 38 12.51 -14.80 -11.12
C VAL B 38 13.25 -13.47 -11.18
N LEU B 39 14.45 -13.48 -11.77
CA LEU B 39 15.21 -12.25 -11.87
C LEU B 39 14.49 -11.23 -12.74
N LYS B 40 13.86 -11.69 -13.83
CA LYS B 40 13.12 -10.76 -14.67
C LYS B 40 12.00 -10.10 -13.89
N VAL B 41 11.26 -10.88 -13.09
CA VAL B 41 10.17 -10.32 -12.32
C VAL B 41 10.70 -9.31 -11.31
N PHE B 42 11.78 -9.66 -10.60
CA PHE B 42 12.34 -8.76 -9.61
C PHE B 42 12.79 -7.45 -10.23
N LEU B 43 13.51 -7.53 -11.36
CA LEU B 43 14.00 -6.33 -12.01
C LEU B 43 12.84 -5.49 -12.53
N GLU B 44 11.80 -6.12 -13.06
CA GLU B 44 10.64 -5.35 -13.51
C GLU B 44 10.04 -4.58 -12.35
N ASN B 45 9.85 -5.24 -11.21
CA ASN B 45 9.24 -4.58 -10.07
C ASN B 45 10.08 -3.40 -9.60
N VAL B 46 11.40 -3.56 -9.54
CA VAL B 46 12.25 -2.47 -9.05
C VAL B 46 12.29 -1.33 -10.06
N ILE B 47 12.47 -1.66 -11.34
CA ILE B 47 12.66 -0.65 -12.36
C ILE B 47 11.40 0.16 -12.56
N ARG B 48 10.22 -0.46 -12.43
CA ARG B 48 8.98 0.30 -12.54
C ARG B 48 8.95 1.44 -11.54
N ASP B 49 9.25 1.15 -10.28
CA ASP B 49 9.24 2.19 -9.26
C ASP B 49 10.34 3.22 -9.50
N ALA B 50 11.52 2.77 -9.90
CA ALA B 50 12.61 3.72 -10.16
C ALA B 50 12.22 4.69 -11.27
N VAL B 51 11.64 4.17 -12.34
CA VAL B 51 11.23 5.02 -13.46
C VAL B 51 10.12 5.96 -13.03
N THR B 52 9.20 5.48 -12.20
CA THR B 52 8.16 6.36 -11.68
C THR B 52 8.75 7.52 -10.91
N TYR B 53 9.72 7.23 -10.04
CA TYR B 53 10.40 8.30 -9.31
C TYR B 53 11.05 9.29 -10.26
N THR B 54 11.80 8.79 -11.24
CA THR B 54 12.51 9.69 -12.14
C THR B 54 11.54 10.57 -12.91
N GLU B 55 10.51 9.98 -13.52
CA GLU B 55 9.57 10.76 -14.29
C GLU B 55 8.79 11.73 -13.42
N HIS B 56 8.60 11.42 -12.14
CA HIS B 56 8.04 12.42 -11.24
C HIS B 56 8.99 13.58 -11.06
N ALA B 57 10.29 13.29 -10.95
CA ALA B 57 11.27 14.36 -10.85
C ALA B 57 11.45 15.11 -12.16
N LYS B 58 10.85 14.64 -13.25
CA LYS B 58 10.89 15.30 -14.55
C LYS B 58 12.33 15.42 -15.06
N ARG B 59 12.96 14.27 -15.27
CA ARG B 59 14.24 14.22 -15.97
C ARG B 59 14.37 12.85 -16.60
N LYS B 60 15.25 12.77 -17.59
CA LYS B 60 15.37 11.58 -18.42
C LYS B 60 16.42 10.60 -17.92
N THR B 61 17.10 10.88 -16.82
CA THR B 61 18.19 10.05 -16.32
C THR B 61 17.80 9.39 -15.01
N VAL B 62 17.89 8.07 -14.96
CA VAL B 62 17.64 7.33 -13.73
C VAL B 62 18.88 7.41 -12.86
N THR B 63 18.70 7.72 -11.58
CA THR B 63 19.81 7.95 -10.69
C THR B 63 19.88 6.89 -9.60
N ALA B 64 21.08 6.80 -9.00
CA ALA B 64 21.30 5.86 -7.93
C ALA B 64 20.35 6.12 -6.76
N MET B 65 20.08 7.39 -6.47
CA MET B 65 19.14 7.70 -5.40
C MET B 65 17.75 7.19 -5.74
N ASP B 66 17.34 7.30 -6.99
CA ASP B 66 16.05 6.77 -7.39
C ASP B 66 16.00 5.26 -7.19
N VAL B 67 17.06 4.56 -7.59
CA VAL B 67 17.08 3.10 -7.41
C VAL B 67 17.04 2.77 -5.92
N VAL B 68 17.79 3.52 -5.11
CA VAL B 68 17.82 3.27 -3.67
C VAL B 68 16.44 3.47 -3.06
N TYR B 69 15.74 4.53 -3.48
CA TYR B 69 14.40 4.76 -2.97
C TYR B 69 13.46 3.63 -3.38
N ALA B 70 13.57 3.18 -4.64
CA ALA B 70 12.71 2.09 -5.08
C ALA B 70 12.96 0.83 -4.27
N LEU B 71 14.22 0.51 -4.01
CA LEU B 71 14.52 -0.64 -3.16
C LEU B 71 14.00 -0.45 -1.74
N LYS B 72 14.17 0.75 -1.20
CA LYS B 72 13.77 1.02 0.18
C LYS B 72 12.27 0.86 0.35
N ARG B 73 11.49 1.28 -0.64
CA ARG B 73 10.05 1.18 -0.52
C ARG B 73 9.57 -0.26 -0.60
N GLN B 74 10.43 -1.21 -0.93
CA GLN B 74 10.09 -2.62 -0.91
C GLN B 74 10.66 -3.35 0.29
N GLY B 75 11.10 -2.62 1.31
CA GLY B 75 11.72 -3.25 2.45
C GLY B 75 13.02 -3.93 2.13
N ARG B 76 13.83 -3.33 1.27
CA ARG B 76 15.11 -3.89 0.83
C ARG B 76 16.19 -2.83 0.88
N THR B 77 16.30 -2.17 2.04
CA THR B 77 17.24 -1.08 2.22
C THR B 77 18.64 -1.46 1.75
N LEU B 78 19.29 -0.53 1.07
CA LEU B 78 20.62 -0.74 0.50
C LEU B 78 21.56 0.36 0.99
N TYR B 79 22.76 -0.03 1.39
CA TYR B 79 23.75 0.91 1.88
C TYR B 79 24.87 1.11 0.86
N GLY B 80 25.58 2.21 1.01
CA GLY B 80 26.73 2.49 0.18
C GLY B 80 26.46 3.28 -1.08
N PHE B 81 25.31 3.96 -1.19
CA PHE B 81 25.03 4.77 -2.36
C PHE B 81 24.42 6.11 -2.00
N GLY B 82 24.61 6.59 -0.78
CA GLY B 82 24.05 7.85 -0.35
C GLY B 82 22.64 7.72 0.18
N ALA C 1 -23.48 28.38 -0.89
CA ALA C 1 -22.13 27.87 -1.08
C ALA C 1 -22.20 26.42 -1.57
N CYS C 2 -21.49 26.14 -2.65
CA CYS C 2 -21.44 24.80 -3.23
C CYS C 2 -20.17 24.10 -2.74
N THR C 3 -20.34 22.89 -2.21
CA THR C 3 -19.21 22.15 -1.69
C THR C 3 -18.28 21.72 -2.82
N ARG C 4 -17.00 21.59 -2.49
CA ARG C 4 -16.02 21.17 -3.48
C ARG C 4 -16.31 19.78 -4.02
N SER C 5 -16.79 18.88 -3.17
CA SER C 5 -17.16 17.55 -3.65
C SER C 5 -18.30 17.64 -4.66
N SER C 6 -19.29 18.48 -4.39
CA SER C 6 -20.37 18.69 -5.35
C SER C 6 -19.83 19.28 -6.65
N ARG C 7 -18.88 20.20 -6.54
CA ARG C 7 -18.27 20.75 -7.75
C ARG C 7 -17.57 19.65 -8.55
N ALA C 8 -16.89 18.74 -7.86
CA ALA C 8 -16.20 17.63 -8.51
C ALA C 8 -17.09 16.43 -8.74
N GLY C 9 -18.35 16.48 -8.29
CA GLY C 9 -19.23 15.34 -8.45
C GLY C 9 -18.74 14.11 -7.72
N LEU C 10 -18.28 14.28 -6.49
CA LEU C 10 -17.79 13.19 -5.70
C LEU C 10 -18.71 12.93 -4.51
N GLN C 11 -18.32 12.00 -3.64
CA GLN C 11 -19.06 11.73 -2.42
C GLN C 11 -18.24 11.93 -1.16
N PHE C 12 -16.94 11.78 -1.23
CA PHE C 12 -16.12 11.95 -0.05
C PHE C 12 -15.88 13.42 0.25
N PRO C 13 -15.72 13.78 1.51
CA PRO C 13 -15.64 15.18 1.91
C PRO C 13 -14.27 15.77 1.58
N VAL C 14 -14.24 16.60 0.53
CA VAL C 14 -12.98 17.23 0.13
C VAL C 14 -12.47 18.14 1.24
N GLY C 15 -13.37 18.86 1.89
CA GLY C 15 -12.95 19.71 3.00
C GLY C 15 -12.34 18.90 4.13
N ARG C 16 -12.94 17.77 4.47
CA ARG C 16 -12.38 16.93 5.53
C ARG C 16 -11.02 16.40 5.13
N VAL C 17 -10.86 15.98 3.87
CA VAL C 17 -9.55 15.50 3.43
C VAL C 17 -8.52 16.60 3.53
N HIS C 18 -8.88 17.82 3.13
CA HIS C 18 -7.96 18.94 3.24
C HIS C 18 -7.57 19.20 4.69
N ARG C 19 -8.55 19.18 5.59
CA ARG C 19 -8.25 19.41 7.00
C ARG C 19 -7.32 18.33 7.54
N LEU C 20 -7.58 17.07 7.18
CA LEU C 20 -6.72 16.00 7.65
C LEU C 20 -5.31 16.15 7.10
N LEU C 21 -5.18 16.55 5.84
CA LEU C 21 -3.86 16.77 5.27
C LEU C 21 -3.11 17.86 6.01
N ARG C 22 -3.77 19.00 6.25
CA ARG C 22 -3.09 20.09 6.91
C ARG C 22 -2.85 19.85 8.39
N LYS C 23 -3.59 18.93 9.01
CA LYS C 23 -3.36 18.59 10.41
C LYS C 23 -2.42 17.41 10.59
N GLY C 24 -2.17 16.64 9.55
CA GLY C 24 -1.31 15.49 9.67
C GLY C 24 0.16 15.77 9.60
N ASN C 25 0.54 17.04 9.41
CA ASN C 25 1.94 17.44 9.30
C ASN C 25 2.67 16.65 8.21
N TYR C 26 1.98 16.43 7.09
CA TYR C 26 2.59 15.76 5.96
C TYR C 26 3.48 16.69 5.16
N SER C 27 3.12 17.97 5.09
CA SER C 27 3.96 18.97 4.44
C SER C 27 3.56 20.33 4.97
N GLU C 28 4.44 21.31 4.74
CA GLU C 28 4.19 22.64 5.27
C GLU C 28 2.96 23.28 4.62
N ARG C 29 2.80 23.12 3.32
CA ARG C 29 1.64 23.65 2.61
C ARG C 29 1.10 22.58 1.66
N VAL C 30 -0.19 22.70 1.34
CA VAL C 30 -0.91 21.69 0.59
C VAL C 30 -1.56 22.34 -0.63
N GLY C 31 -1.38 21.71 -1.79
CA GLY C 31 -1.95 22.25 -3.00
C GLY C 31 -3.46 22.12 -3.05
N ALA C 32 -4.06 22.80 -4.02
CA ALA C 32 -5.51 22.85 -4.10
C ALA C 32 -6.09 21.54 -4.62
N GLY C 33 -5.47 20.95 -5.64
CA GLY C 33 -6.02 19.76 -6.26
C GLY C 33 -5.75 18.47 -5.53
N ALA C 34 -4.82 18.49 -4.57
CA ALA C 34 -4.48 17.27 -3.86
C ALA C 34 -5.66 16.68 -3.10
N PRO C 35 -6.41 17.43 -2.29
CA PRO C 35 -7.57 16.81 -1.63
C PRO C 35 -8.58 16.24 -2.61
N VAL C 36 -8.78 16.92 -3.73
CA VAL C 36 -9.72 16.42 -4.74
C VAL C 36 -9.25 15.08 -5.28
N TYR C 37 -7.99 15.01 -5.69
CA TYR C 37 -7.46 13.77 -6.23
C TYR C 37 -7.55 12.65 -5.21
N LEU C 38 -7.16 12.93 -3.97
CA LEU C 38 -7.15 11.89 -2.95
C LEU C 38 -8.57 11.40 -2.66
N ALA C 39 -9.52 12.33 -2.55
CA ALA C 39 -10.90 11.93 -2.30
C ALA C 39 -11.43 11.08 -3.44
N ALA C 40 -11.12 11.45 -4.67
CA ALA C 40 -11.58 10.65 -5.81
C ALA C 40 -10.99 9.24 -5.74
N VAL C 41 -9.70 9.14 -5.42
CA VAL C 41 -9.07 7.83 -5.33
C VAL C 41 -9.73 6.98 -4.26
N LEU C 42 -9.94 7.56 -3.08
CA LEU C 42 -10.56 6.82 -2.00
C LEU C 42 -11.96 6.37 -2.39
N GLU C 43 -12.73 7.27 -3.02
CA GLU C 43 -14.08 6.91 -3.44
C GLU C 43 -14.04 5.74 -4.41
N TYR C 44 -13.13 5.78 -5.37
CA TYR C 44 -13.06 4.69 -6.34
C TYR C 44 -12.70 3.38 -5.66
N LEU C 45 -11.72 3.40 -4.76
CA LEU C 45 -11.32 2.16 -4.10
C LEU C 45 -12.47 1.58 -3.27
N THR C 46 -13.14 2.43 -2.50
CA THR C 46 -14.26 1.96 -1.71
C THR C 46 -15.36 1.42 -2.61
N ALA C 47 -15.60 2.07 -3.74
CA ALA C 47 -16.61 1.58 -4.67
C ALA C 47 -16.24 0.19 -5.17
N GLU C 48 -14.98 -0.02 -5.52
CA GLU C 48 -14.56 -1.32 -6.01
C GLU C 48 -14.77 -2.40 -4.95
N ILE C 49 -14.30 -2.13 -3.73
CA ILE C 49 -14.43 -3.11 -2.66
C ILE C 49 -15.88 -3.41 -2.38
N LEU C 50 -16.72 -2.37 -2.31
CA LEU C 50 -18.12 -2.57 -2.00
C LEU C 50 -18.83 -3.34 -3.10
N GLU C 51 -18.49 -3.07 -4.36
CA GLU C 51 -19.10 -3.84 -5.46
C GLU C 51 -18.75 -5.30 -5.34
N LEU C 52 -17.48 -5.60 -5.08
CA LEU C 52 -17.10 -7.00 -4.95
C LEU C 52 -17.80 -7.66 -3.77
N ALA C 53 -17.88 -6.94 -2.64
CA ALA C 53 -18.52 -7.50 -1.47
C ALA C 53 -20.00 -7.74 -1.71
N GLY C 54 -20.66 -6.82 -2.40
CA GLY C 54 -22.07 -7.02 -2.71
C GLY C 54 -22.30 -8.19 -3.63
N ASN C 55 -21.42 -8.36 -4.62
CA ASN C 55 -21.53 -9.55 -5.46
C ASN C 55 -21.35 -10.82 -4.65
N ALA C 56 -20.39 -10.81 -3.72
CA ALA C 56 -20.19 -11.98 -2.86
C ALA C 56 -21.43 -12.26 -2.03
N ALA C 57 -22.03 -11.21 -1.47
CA ALA C 57 -23.20 -11.40 -0.62
C ALA C 57 -24.39 -11.93 -1.42
N ARG C 58 -24.64 -11.34 -2.60
CA ARG C 58 -25.75 -11.82 -3.40
C ARG C 58 -25.51 -13.25 -3.89
N ASP C 59 -24.25 -13.61 -4.13
CA ASP C 59 -23.95 -15.00 -4.44
C ASP C 59 -24.18 -15.90 -3.24
N ASN C 60 -24.19 -15.35 -2.04
CA ASN C 60 -24.48 -16.09 -0.82
C ASN C 60 -25.95 -15.99 -0.41
N LYS C 61 -26.77 -15.33 -1.23
CA LYS C 61 -28.21 -15.17 -0.96
C LYS C 61 -28.45 -14.46 0.36
N LYS C 62 -27.77 -13.33 0.56
CA LYS C 62 -27.97 -12.49 1.73
C LYS C 62 -28.00 -11.04 1.27
N THR C 63 -28.50 -10.17 2.15
CA THR C 63 -28.70 -8.77 1.80
C THR C 63 -27.90 -7.79 2.65
N ARG C 64 -27.11 -8.27 3.61
CA ARG C 64 -26.26 -7.41 4.41
C ARG C 64 -24.81 -7.82 4.23
N ILE C 65 -23.95 -6.83 4.07
CA ILE C 65 -22.52 -7.09 3.90
C ILE C 65 -21.89 -7.27 5.27
N ILE C 66 -21.07 -8.30 5.40
CA ILE C 66 -20.46 -8.65 6.68
C ILE C 66 -18.97 -8.84 6.46
N PRO C 67 -18.18 -8.83 7.53
CA PRO C 67 -16.73 -9.02 7.37
C PRO C 67 -16.36 -10.29 6.63
N ARG C 68 -17.16 -11.35 6.75
CA ARG C 68 -16.90 -12.53 5.95
C ARG C 68 -16.97 -12.21 4.47
N HIS C 69 -18.00 -11.46 4.06
CA HIS C 69 -18.11 -11.07 2.67
C HIS C 69 -16.96 -10.18 2.24
N LEU C 70 -16.54 -9.26 3.12
CA LEU C 70 -15.40 -8.42 2.79
C LEU C 70 -14.14 -9.25 2.57
N GLN C 71 -13.89 -10.22 3.46
CA GLN C 71 -12.72 -11.07 3.32
C GLN C 71 -12.77 -11.87 2.03
N LEU C 72 -13.93 -12.42 1.71
CA LEU C 72 -14.06 -13.18 0.46
C LEU C 72 -13.79 -12.30 -0.74
N ALA C 73 -14.36 -11.09 -0.75
CA ALA C 73 -14.17 -10.19 -1.87
C ALA C 73 -12.71 -9.81 -2.03
N ILE C 74 -12.03 -9.53 -0.93
CA ILE C 74 -10.63 -9.12 -1.02
C ILE C 74 -9.78 -10.29 -1.50
N ARG C 75 -9.96 -11.47 -0.91
CA ARG C 75 -9.11 -12.60 -1.27
C ARG C 75 -9.35 -13.08 -2.69
N ASN C 76 -10.58 -12.98 -3.20
CA ASN C 76 -10.84 -13.48 -4.54
C ASN C 76 -10.20 -12.61 -5.62
N ASP C 77 -10.16 -11.30 -5.41
CA ASP C 77 -9.59 -10.39 -6.40
C ASP C 77 -8.08 -10.36 -6.25
N GLU C 78 -7.37 -10.58 -7.36
CA GLU C 78 -5.91 -10.62 -7.32
C GLU C 78 -5.33 -9.26 -6.93
N GLU C 79 -5.85 -8.19 -7.54
CA GLU C 79 -5.30 -6.86 -7.27
C GLU C 79 -5.49 -6.47 -5.82
N LEU C 80 -6.72 -6.58 -5.31
CA LEU C 80 -6.97 -6.22 -3.93
C LEU C 80 -6.22 -7.13 -2.97
N ASN C 81 -6.12 -8.42 -3.31
CA ASN C 81 -5.36 -9.34 -2.46
C ASN C 81 -3.92 -8.90 -2.35
N LYS C 82 -3.32 -8.50 -3.47
CA LYS C 82 -1.95 -8.00 -3.43
C LYS C 82 -1.86 -6.71 -2.62
N LEU C 83 -2.84 -5.82 -2.79
CA LEU C 83 -2.78 -4.54 -2.08
C LEU C 83 -2.88 -4.74 -0.57
N LEU C 84 -3.75 -5.64 -0.13
CA LEU C 84 -4.00 -5.88 1.29
C LEU C 84 -3.48 -7.24 1.71
N GLY C 85 -2.31 -7.62 1.19
CA GLY C 85 -1.76 -8.92 1.49
C GLY C 85 -1.36 -9.12 2.94
N ARG C 86 -1.08 -8.04 3.65
CA ARG C 86 -0.66 -8.11 5.04
C ARG C 86 -1.69 -7.48 5.96
N VAL C 87 -2.97 -7.73 5.70
CA VAL C 87 -4.07 -7.16 6.46
C VAL C 87 -4.92 -8.29 7.02
N THR C 88 -5.22 -8.20 8.31
CA THR C 88 -6.08 -9.17 8.98
C THR C 88 -7.42 -8.54 9.25
N ILE C 89 -8.49 -9.22 8.86
CA ILE C 89 -9.85 -8.72 9.02
C ILE C 89 -10.53 -9.54 10.12
N ALA C 90 -11.00 -8.84 11.15
CA ALA C 90 -11.70 -9.52 12.23
C ALA C 90 -12.96 -10.19 11.71
N GLN C 91 -13.23 -11.39 12.22
CA GLN C 91 -14.39 -12.18 11.82
C GLN C 91 -14.39 -12.43 10.31
N GLY C 92 -13.20 -12.60 9.74
CA GLY C 92 -13.09 -12.76 8.30
C GLY C 92 -12.98 -14.19 7.85
N GLY C 93 -12.44 -15.06 8.69
CA GLY C 93 -12.25 -16.42 8.24
C GLY C 93 -11.16 -16.49 7.19
N VAL C 94 -11.18 -17.59 6.43
CA VAL C 94 -10.21 -17.83 5.37
C VAL C 94 -10.95 -18.25 4.11
N LEU C 95 -10.27 -18.12 2.99
CA LEU C 95 -10.82 -18.56 1.72
C LEU C 95 -10.83 -20.08 1.66
N PRO C 96 -11.96 -20.71 1.38
CA PRO C 96 -12.00 -22.17 1.41
C PRO C 96 -11.24 -22.81 0.25
N ASN C 97 -10.18 -23.53 0.56
CA ASN C 97 -9.42 -24.24 -0.47
C ASN C 97 -8.77 -25.45 0.16
N ILE C 98 -8.79 -26.56 -0.59
CA ILE C 98 -8.20 -27.81 -0.15
C ILE C 98 -7.21 -28.28 -1.20
N GLN C 99 -6.00 -28.63 -0.77
CA GLN C 99 -5.00 -29.14 -1.69
C GLN C 99 -5.47 -30.43 -2.33
N ALA C 100 -5.31 -30.53 -3.65
CA ALA C 100 -5.84 -31.67 -4.39
C ALA C 100 -5.19 -32.98 -3.98
N VAL C 101 -3.99 -32.93 -3.42
CA VAL C 101 -3.33 -34.16 -2.98
C VAL C 101 -4.14 -34.83 -1.87
N LEU C 102 -4.66 -34.02 -0.94
CA LEU C 102 -5.40 -34.58 0.19
C LEU C 102 -6.70 -35.23 -0.22
N LEU C 103 -7.28 -34.84 -1.35
CA LEU C 103 -8.51 -35.44 -1.81
C LEU C 103 -8.28 -36.90 -2.19
N PRO C 104 -9.25 -37.78 -1.91
CA PRO C 104 -9.07 -39.20 -2.26
C PRO C 104 -9.05 -39.41 -3.77
N LYS C 105 -8.33 -40.44 -4.18
CA LYS C 105 -8.20 -40.76 -5.60
C LYS C 105 -8.68 -42.19 -5.89
N ARG D 1 -17.37 15.74 25.38
CA ARG D 1 -18.06 15.40 24.14
C ARG D 1 -17.15 15.58 22.94
N SER D 2 -16.11 14.75 22.83
CA SER D 2 -15.20 14.80 21.70
C SER D 2 -15.89 14.17 20.49
N ARG D 3 -16.36 15.02 19.57
CA ARG D 3 -17.09 14.54 18.41
C ARG D 3 -16.13 13.83 17.47
N LYS D 4 -16.09 12.51 17.53
CA LYS D 4 -15.23 11.71 16.68
C LYS D 4 -15.82 11.63 15.27
N GLU D 5 -14.94 11.49 14.29
CA GLU D 5 -15.33 11.50 12.89
C GLU D 5 -14.94 10.18 12.22
N SER D 6 -15.79 9.74 11.30
CA SER D 6 -15.52 8.55 10.51
C SER D 6 -15.98 8.83 9.09
N TYR D 7 -16.01 7.77 8.27
CA TYR D 7 -16.46 7.88 6.89
C TYR D 7 -17.72 7.07 6.65
N SER D 8 -18.46 6.75 7.71
CA SER D 8 -19.58 5.83 7.58
C SER D 8 -20.64 6.37 6.63
N VAL D 9 -20.93 7.67 6.72
CA VAL D 9 -21.98 8.24 5.88
C VAL D 9 -21.61 8.15 4.41
N TYR D 10 -20.37 8.55 4.08
CA TYR D 10 -19.95 8.53 2.69
C TYR D 10 -19.85 7.10 2.17
N VAL D 11 -19.38 6.18 3.01
CA VAL D 11 -19.34 4.78 2.62
C VAL D 11 -20.73 4.28 2.31
N TYR D 12 -21.71 4.64 3.14
CA TYR D 12 -23.07 4.20 2.90
C TYR D 12 -23.61 4.80 1.60
N LYS D 13 -23.27 6.06 1.32
CA LYS D 13 -23.72 6.67 0.07
C LYS D 13 -23.12 5.94 -1.12
N VAL D 14 -21.84 5.59 -1.05
CA VAL D 14 -21.21 4.85 -2.13
C VAL D 14 -21.87 3.48 -2.29
N LEU D 15 -22.20 2.84 -1.18
CA LEU D 15 -22.88 1.55 -1.24
C LEU D 15 -24.23 1.70 -1.93
N LYS D 16 -24.96 2.76 -1.61
CA LYS D 16 -26.24 3.00 -2.27
C LYS D 16 -26.05 3.21 -3.77
N GLN D 17 -24.99 3.92 -4.15
CA GLN D 17 -24.73 4.11 -5.56
C GLN D 17 -24.45 2.79 -6.26
N VAL D 18 -23.68 1.91 -5.62
CA VAL D 18 -23.26 0.68 -6.29
C VAL D 18 -24.38 -0.35 -6.27
N HIS D 19 -24.77 -0.79 -5.09
CA HIS D 19 -25.91 -1.71 -4.94
C HIS D 19 -27.04 -0.94 -4.27
N PRO D 20 -28.03 -0.48 -5.02
CA PRO D 20 -29.09 0.34 -4.41
C PRO D 20 -29.90 -0.36 -3.36
N ASP D 21 -29.92 -1.69 -3.35
CA ASP D 21 -30.80 -2.47 -2.48
C ASP D 21 -30.00 -3.48 -1.67
N THR D 22 -28.92 -3.02 -1.06
CA THR D 22 -28.10 -3.88 -0.22
C THR D 22 -27.63 -3.10 0.99
N GLY D 23 -27.67 -3.74 2.16
CA GLY D 23 -27.25 -3.14 3.39
C GLY D 23 -25.88 -3.62 3.83
N ILE D 24 -25.39 -3.01 4.92
CA ILE D 24 -24.07 -3.33 5.45
C ILE D 24 -24.17 -3.38 6.97
N SER D 25 -23.49 -4.36 7.55
CA SER D 25 -23.48 -4.50 9.00
C SER D 25 -22.67 -3.38 9.64
N SER D 26 -22.92 -3.17 10.93
CA SER D 26 -22.18 -2.14 11.66
C SER D 26 -20.70 -2.50 11.76
N LYS D 27 -20.40 -3.78 12.02
CA LYS D 27 -19.00 -4.18 12.12
C LYS D 27 -18.28 -4.06 10.80
N ALA D 28 -18.96 -4.36 9.69
CA ALA D 28 -18.35 -4.15 8.39
C ALA D 28 -18.06 -2.68 8.14
N MET D 29 -18.90 -1.79 8.66
CA MET D 29 -18.65 -0.35 8.50
C MET D 29 -17.37 0.06 9.20
N GLY D 30 -17.12 -0.48 10.39
CA GLY D 30 -15.86 -0.21 11.07
C GLY D 30 -14.67 -0.67 10.28
N ILE D 31 -14.79 -1.83 9.62
CA ILE D 31 -13.71 -2.32 8.79
C ILE D 31 -13.48 -1.40 7.61
N MET D 32 -14.56 -0.90 7.00
CA MET D 32 -14.40 0.05 5.91
C MET D 32 -13.72 1.32 6.38
N ASN D 33 -14.08 1.79 7.58
CA ASN D 33 -13.43 2.98 8.12
C ASN D 33 -11.94 2.74 8.33
N SER D 34 -11.58 1.58 8.88
CA SER D 34 -10.17 1.28 9.08
C SER D 34 -9.44 1.20 7.76
N PHE D 35 -10.08 0.60 6.75
CA PHE D 35 -9.45 0.50 5.44
C PHE D 35 -9.22 1.87 4.83
N VAL D 36 -10.21 2.75 4.93
CA VAL D 36 -10.08 4.09 4.37
C VAL D 36 -8.95 4.84 5.08
N ASN D 37 -8.91 4.74 6.41
CA ASN D 37 -7.85 5.43 7.15
C ASN D 37 -6.48 4.89 6.76
N ASP D 38 -6.37 3.57 6.62
CA ASP D 38 -5.08 2.98 6.28
C ASP D 38 -4.61 3.44 4.90
N ILE D 39 -5.51 3.43 3.92
CA ILE D 39 -5.13 3.85 2.57
C ILE D 39 -4.77 5.31 2.55
N PHE D 40 -5.54 6.14 3.26
CA PHE D 40 -5.24 7.55 3.33
C PHE D 40 -3.87 7.80 3.94
N GLU D 41 -3.55 7.09 5.03
CA GLU D 41 -2.24 7.25 5.65
C GLU D 41 -1.13 6.83 4.70
N ARG D 42 -1.31 5.70 4.00
CA ARG D 42 -0.30 5.25 3.06
C ARG D 42 -0.04 6.31 1.99
N ILE D 43 -1.11 6.79 1.36
CA ILE D 43 -0.94 7.72 0.25
C ILE D 43 -0.34 9.04 0.74
N ALA D 44 -0.82 9.54 1.88
CA ALA D 44 -0.28 10.79 2.39
C ALA D 44 1.20 10.66 2.76
N GLY D 45 1.58 9.55 3.39
CA GLY D 45 2.97 9.35 3.72
C GLY D 45 3.86 9.28 2.49
N GLU D 46 3.41 8.55 1.47
CA GLU D 46 4.21 8.46 0.26
C GLU D 46 4.33 9.82 -0.42
N ALA D 47 3.25 10.59 -0.45
CA ALA D 47 3.32 11.92 -1.04
C ALA D 47 4.28 12.81 -0.26
N SER D 48 4.25 12.73 1.07
CA SER D 48 5.17 13.52 1.88
C SER D 48 6.61 13.14 1.59
N ARG D 49 6.88 11.84 1.46
CA ARG D 49 8.24 11.41 1.14
C ARG D 49 8.66 11.93 -0.23
N LEU D 50 7.76 11.90 -1.21
CA LEU D 50 8.09 12.44 -2.52
C LEU D 50 8.41 13.91 -2.45
N ALA D 51 7.59 14.68 -1.73
CA ALA D 51 7.84 16.11 -1.61
C ALA D 51 9.18 16.37 -0.95
N HIS D 52 9.52 15.61 0.08
CA HIS D 52 10.81 15.79 0.73
C HIS D 52 11.95 15.42 -0.21
N TYR D 53 11.78 14.35 -0.99
CA TYR D 53 12.84 13.94 -1.91
C TYR D 53 13.11 15.01 -2.96
N ASN D 54 12.06 15.59 -3.51
CA ASN D 54 12.24 16.64 -4.51
C ASN D 54 12.50 18.01 -3.90
N LYS D 55 12.76 18.06 -2.58
CA LYS D 55 13.07 19.32 -1.89
C LYS D 55 11.96 20.35 -2.04
N ARG D 56 10.74 19.89 -2.29
CA ARG D 56 9.60 20.79 -2.39
C ARG D 56 9.03 21.04 -0.99
N SER D 57 7.96 21.82 -0.93
CA SER D 57 7.29 22.06 0.33
C SER D 57 5.77 21.99 0.19
N THR D 58 5.26 21.73 -1.00
CA THR D 58 3.82 21.70 -1.24
C THR D 58 3.43 20.38 -1.87
N ILE D 59 2.33 19.80 -1.39
CA ILE D 59 1.80 18.56 -1.94
C ILE D 59 0.73 18.93 -2.94
N THR D 60 0.95 18.60 -4.20
CA THR D 60 0.00 18.89 -5.25
C THR D 60 -0.60 17.59 -5.77
N SER D 61 -1.42 17.70 -6.80
CA SER D 61 -1.98 16.50 -7.43
C SER D 61 -0.89 15.67 -8.07
N ARG D 62 0.22 16.30 -8.46
CA ARG D 62 1.35 15.55 -9.03
C ARG D 62 1.87 14.52 -8.05
N GLU D 63 2.15 14.94 -6.82
CA GLU D 63 2.67 14.03 -5.82
C GLU D 63 1.68 12.92 -5.50
N ILE D 64 0.40 13.26 -5.41
CA ILE D 64 -0.60 12.25 -5.09
C ILE D 64 -0.70 11.23 -6.22
N GLN D 65 -0.69 11.70 -7.47
CA GLN D 65 -0.74 10.78 -8.59
C GLN D 65 0.47 9.86 -8.61
N THR D 66 1.65 10.41 -8.35
CA THR D 66 2.84 9.57 -8.31
C THR D 66 2.77 8.55 -7.18
N ALA D 67 2.28 8.97 -6.01
CA ALA D 67 2.15 8.05 -4.89
C ALA D 67 1.16 6.95 -5.21
N VAL D 68 0.06 7.28 -5.88
CA VAL D 68 -0.90 6.26 -6.29
C VAL D 68 -0.26 5.28 -7.26
N ARG D 69 0.52 5.79 -8.22
CA ARG D 69 1.22 4.89 -9.13
C ARG D 69 2.17 3.97 -8.38
N LEU D 70 2.84 4.49 -7.36
CA LEU D 70 3.76 3.66 -6.58
C LEU D 70 3.01 2.60 -5.77
N LEU D 71 1.84 2.95 -5.23
CA LEU D 71 1.17 2.05 -4.30
C LEU D 71 0.28 1.03 -5.03
N LEU D 72 -0.70 1.51 -5.76
CA LEU D 72 -1.68 0.60 -6.36
C LEU D 72 -1.05 -0.16 -7.52
N PRO D 73 -1.39 -1.43 -7.71
CA PRO D 73 -0.81 -2.20 -8.81
C PRO D 73 -1.68 -2.26 -10.05
N GLY D 74 -1.01 -2.13 -11.19
CA GLY D 74 -1.60 -2.47 -12.48
C GLY D 74 -2.88 -1.73 -12.80
N GLU D 75 -3.85 -2.46 -13.33
CA GLU D 75 -5.07 -1.86 -13.83
C GLU D 75 -5.80 -1.11 -12.73
N LEU D 76 -5.65 -1.56 -11.48
CA LEU D 76 -6.19 -0.80 -10.37
C LEU D 76 -5.61 0.60 -10.35
N ALA D 77 -4.30 0.71 -10.45
CA ALA D 77 -3.66 2.02 -10.48
C ALA D 77 -4.11 2.82 -11.69
N LYS D 78 -4.25 2.16 -12.84
CA LYS D 78 -4.69 2.85 -14.04
C LYS D 78 -6.05 3.49 -13.82
N HIS D 79 -7.02 2.71 -13.33
CA HIS D 79 -8.35 3.25 -13.10
C HIS D 79 -8.31 4.36 -12.06
N ALA D 80 -7.53 4.18 -10.99
CA ALA D 80 -7.47 5.20 -9.96
C ALA D 80 -6.95 6.52 -10.51
N VAL D 81 -5.89 6.45 -11.32
CA VAL D 81 -5.33 7.67 -11.86
C VAL D 81 -6.31 8.32 -12.82
N SER D 82 -6.99 7.52 -13.64
CA SER D 82 -8.00 8.08 -14.53
C SER D 82 -9.06 8.83 -13.74
N GLU D 83 -9.55 8.21 -12.66
CA GLU D 83 -10.57 8.85 -11.84
C GLU D 83 -10.06 10.15 -11.23
N GLY D 84 -8.84 10.12 -10.69
CA GLY D 84 -8.31 11.33 -10.08
C GLY D 84 -8.14 12.45 -11.06
N THR D 85 -7.60 12.16 -12.24
CA THR D 85 -7.45 13.18 -13.25
C THR D 85 -8.80 13.73 -13.68
N LYS D 86 -9.78 12.85 -13.86
CA LYS D 86 -11.12 13.31 -14.24
C LYS D 86 -11.69 14.23 -13.18
N ALA D 87 -11.56 13.87 -11.92
CA ALA D 87 -12.11 14.68 -10.84
C ALA D 87 -11.42 16.03 -10.78
N VAL D 88 -10.10 16.05 -10.91
CA VAL D 88 -9.38 17.32 -10.87
C VAL D 88 -9.80 18.21 -12.03
N THR D 89 -9.92 17.63 -13.22
CA THR D 89 -10.36 18.39 -14.38
C THR D 89 -11.73 19.01 -14.14
N LYS D 90 -12.67 18.19 -13.68
CA LYS D 90 -14.03 18.69 -13.47
C LYS D 90 -14.05 19.77 -12.40
N TYR D 91 -13.27 19.59 -11.33
CA TYR D 91 -13.23 20.59 -10.28
C TYR D 91 -12.66 21.90 -10.79
N THR D 92 -11.61 21.84 -11.60
CA THR D 92 -11.06 23.06 -12.18
C THR D 92 -12.07 23.74 -13.09
N SER D 93 -12.79 22.97 -13.90
CA SER D 93 -13.80 23.53 -14.77
C SER D 93 -15.03 23.98 -13.99
N PRO E 1 -21.10 -52.47 12.55
CA PRO E 1 -21.86 -51.23 12.64
C PRO E 1 -21.49 -50.23 11.55
N HIS E 2 -21.40 -48.95 11.90
CA HIS E 2 -21.01 -47.90 10.97
C HIS E 2 -19.74 -47.25 11.48
N ARG E 3 -18.76 -47.10 10.59
CA ARG E 3 -17.45 -46.57 10.99
C ARG E 3 -16.85 -45.83 9.81
N TYR E 4 -16.77 -44.52 9.91
CA TYR E 4 -16.12 -43.72 8.88
C TYR E 4 -14.63 -44.06 8.83
N ARG E 5 -14.13 -44.29 7.61
CA ARG E 5 -12.71 -44.53 7.45
C ARG E 5 -11.93 -43.24 7.75
N PRO E 6 -10.71 -43.37 8.25
CA PRO E 6 -9.94 -42.16 8.61
C PRO E 6 -9.74 -41.24 7.41
N GLY E 7 -9.87 -39.95 7.67
CA GLY E 7 -9.72 -38.96 6.62
C GLY E 7 -11.00 -38.23 6.26
N THR E 8 -12.10 -38.97 6.17
CA THR E 8 -13.37 -38.34 5.82
C THR E 8 -13.80 -37.35 6.88
N VAL E 9 -13.67 -37.71 8.16
CA VAL E 9 -14.00 -36.79 9.23
C VAL E 9 -13.07 -35.58 9.19
N ALA E 10 -11.80 -35.81 8.88
CA ALA E 10 -10.87 -34.69 8.76
C ALA E 10 -11.28 -33.76 7.62
N LEU E 11 -11.69 -34.32 6.49
CA LEU E 11 -12.10 -33.49 5.36
C LEU E 11 -13.36 -32.68 5.70
N ARG E 12 -14.33 -33.31 6.35
CA ARG E 12 -15.53 -32.55 6.69
C ARG E 12 -15.25 -31.50 7.76
N GLU E 13 -14.33 -31.78 8.67
CA GLU E 13 -13.91 -30.76 9.63
C GLU E 13 -13.25 -29.58 8.91
N ILE E 14 -12.41 -29.87 7.93
CA ILE E 14 -11.78 -28.81 7.15
C ILE E 14 -12.83 -27.96 6.47
N ARG E 15 -13.82 -28.62 5.84
CA ARG E 15 -14.86 -27.87 5.16
C ARG E 15 -15.66 -27.02 6.13
N ARG E 16 -15.97 -27.58 7.31
CA ARG E 16 -16.76 -26.85 8.28
C ARG E 16 -16.01 -25.63 8.81
N TYR E 17 -14.76 -25.83 9.25
CA TYR E 17 -14.02 -24.75 9.87
C TYR E 17 -13.51 -23.73 8.87
N GLN E 18 -13.44 -24.07 7.59
CA GLN E 18 -13.11 -23.09 6.57
C GLN E 18 -14.33 -22.30 6.11
N LYS E 19 -15.51 -22.61 6.63
CA LYS E 19 -16.72 -21.90 6.28
C LYS E 19 -17.21 -20.97 7.38
N SER E 20 -16.81 -21.19 8.63
CA SER E 20 -17.20 -20.31 9.73
C SER E 20 -16.10 -19.30 10.02
N THR E 21 -16.47 -18.26 10.78
CA THR E 21 -15.54 -17.22 11.16
C THR E 21 -15.39 -17.07 12.67
N GLU E 22 -15.88 -18.04 13.45
CA GLU E 22 -15.79 -17.95 14.89
C GLU E 22 -14.36 -18.15 15.35
N LEU E 23 -14.09 -17.71 16.57
CA LEU E 23 -12.79 -17.97 17.19
C LEU E 23 -12.68 -19.44 17.57
N LEU E 24 -11.46 -19.97 17.49
CA LEU E 24 -11.23 -21.39 17.71
C LEU E 24 -10.51 -21.67 19.02
N ILE E 25 -10.31 -20.66 19.86
CA ILE E 25 -9.68 -20.85 21.16
C ILE E 25 -10.62 -20.32 22.23
N ARG E 26 -10.46 -20.87 23.44
CA ARG E 26 -11.34 -20.52 24.53
C ARG E 26 -10.91 -19.21 25.19
N LYS E 27 -11.89 -18.32 25.40
CA LYS E 27 -11.59 -16.96 25.83
C LYS E 27 -10.88 -16.94 27.17
N LEU E 28 -11.37 -17.70 28.14
CA LEU E 28 -10.79 -17.65 29.47
C LEU E 28 -9.35 -18.12 29.52
N PRO E 29 -8.99 -19.30 28.99
CA PRO E 29 -7.57 -19.65 28.99
C PRO E 29 -6.72 -18.73 28.15
N PHE E 30 -7.26 -18.18 27.05
CA PHE E 30 -6.47 -17.21 26.30
C PHE E 30 -6.18 -15.98 27.13
N GLN E 31 -7.17 -15.50 27.88
CA GLN E 31 -6.96 -14.35 28.76
C GLN E 31 -5.94 -14.68 29.83
N ARG E 32 -6.02 -15.87 30.42
CA ARG E 32 -5.05 -16.24 31.43
C ARG E 32 -3.64 -16.27 30.87
N LEU E 33 -3.49 -16.80 29.65
CA LEU E 33 -2.19 -16.80 29.00
C LEU E 33 -1.68 -15.38 28.77
N VAL E 34 -2.54 -14.50 28.28
CA VAL E 34 -2.12 -13.13 28.02
C VAL E 34 -1.69 -12.46 29.31
N ARG E 35 -2.47 -12.63 30.38
CA ARG E 35 -2.12 -11.99 31.64
C ARG E 35 -0.83 -12.56 32.22
N GLU E 36 -0.62 -13.87 32.09
CA GLU E 36 0.64 -14.44 32.55
C GLU E 36 1.82 -13.86 31.79
N ILE E 37 1.69 -13.76 30.46
CA ILE E 37 2.80 -13.23 29.67
C ILE E 37 3.06 -11.78 30.01
N ALA E 38 2.02 -10.97 30.15
CA ALA E 38 2.18 -9.54 30.34
C ALA E 38 2.67 -9.18 31.73
N GLN E 39 2.57 -10.07 32.72
CA GLN E 39 2.91 -9.68 34.08
C GLN E 39 4.40 -9.45 34.28
N ASP E 40 5.25 -10.01 33.43
CA ASP E 40 6.68 -9.80 33.59
C ASP E 40 7.15 -8.46 33.06
N PHE E 41 6.58 -7.99 31.96
CA PHE E 41 6.92 -6.67 31.45
C PHE E 41 6.56 -5.58 32.44
N LYS E 42 5.37 -5.67 33.03
CA LYS E 42 4.96 -4.77 34.11
C LYS E 42 3.84 -5.44 34.88
N THR E 43 3.94 -5.38 36.20
CA THR E 43 2.99 -6.08 37.06
C THR E 43 1.65 -5.35 37.10
N ASP E 44 0.64 -6.07 37.56
CA ASP E 44 -0.71 -5.55 37.85
C ASP E 44 -1.23 -4.65 36.73
N LEU E 45 -1.05 -5.09 35.50
CA LEU E 45 -1.62 -4.38 34.37
C LEU E 45 -3.03 -4.84 34.11
N ARG E 46 -3.86 -3.93 33.60
CA ARG E 46 -5.24 -4.22 33.27
C ARG E 46 -5.41 -4.22 31.76
N PHE E 47 -6.42 -4.95 31.30
CA PHE E 47 -6.67 -5.09 29.88
C PHE E 47 -8.12 -4.78 29.56
N GLN E 48 -8.34 -4.27 28.35
CA GLN E 48 -9.69 -4.10 27.84
C GLN E 48 -10.13 -5.35 27.11
N SER E 49 -11.42 -5.64 27.20
CA SER E 49 -11.97 -6.80 26.50
C SER E 49 -11.73 -6.71 25.01
N SER E 50 -11.88 -5.51 24.44
CA SER E 50 -11.58 -5.32 23.03
C SER E 50 -10.12 -5.60 22.74
N ALA E 51 -9.23 -5.19 23.65
CA ALA E 51 -7.81 -5.46 23.45
C ALA E 51 -7.54 -6.96 23.43
N VAL E 52 -8.14 -7.70 24.35
CA VAL E 52 -7.94 -9.15 24.38
C VAL E 52 -8.50 -9.79 23.12
N MET E 53 -9.66 -9.31 22.68
CA MET E 53 -10.23 -9.85 21.45
C MET E 53 -9.32 -9.59 20.25
N ALA E 54 -8.74 -8.40 20.18
CA ALA E 54 -7.82 -8.09 19.09
C ALA E 54 -6.60 -8.99 19.14
N LEU E 55 -6.05 -9.20 20.33
CA LEU E 55 -4.91 -10.10 20.45
C LEU E 55 -5.27 -11.49 19.98
N GLN E 56 -6.43 -12.00 20.38
CA GLN E 56 -6.83 -13.34 19.98
C GLN E 56 -7.03 -13.44 18.48
N GLU E 57 -7.66 -12.43 17.88
CA GLU E 57 -7.85 -12.43 16.44
C GLU E 57 -6.52 -12.47 15.71
N ALA E 58 -5.58 -11.62 16.12
CA ALA E 58 -4.28 -11.58 15.46
C ALA E 58 -3.56 -12.91 15.62
N SER E 59 -3.57 -13.47 16.83
CA SER E 59 -2.87 -14.73 17.05
C SER E 59 -3.48 -15.85 16.22
N GLU E 60 -4.80 -15.93 16.16
CA GLU E 60 -5.43 -16.99 15.38
C GLU E 60 -5.13 -16.83 13.91
N ALA E 61 -5.17 -15.61 13.38
CA ALA E 61 -4.83 -15.42 11.97
C ALA E 61 -3.39 -15.82 11.70
N TYR E 62 -2.48 -15.45 12.60
CA TYR E 62 -1.08 -15.80 12.42
C TYR E 62 -0.90 -17.32 12.42
N LEU E 63 -1.55 -18.01 13.35
CA LEU E 63 -1.42 -19.46 13.40
C LEU E 63 -2.01 -20.12 12.17
N VAL E 64 -3.13 -19.61 11.67
CA VAL E 64 -3.73 -20.20 10.48
C VAL E 64 -2.79 -20.03 9.29
N GLY E 65 -2.21 -18.85 9.12
CA GLY E 65 -1.26 -18.65 8.05
C GLY E 65 -0.05 -19.56 8.18
N LEU E 66 0.47 -19.70 9.39
CA LEU E 66 1.60 -20.58 9.62
C LEU E 66 1.25 -22.02 9.28
N PHE E 67 0.03 -22.45 9.62
CA PHE E 67 -0.37 -23.81 9.31
C PHE E 67 -0.53 -24.02 7.82
N GLU E 68 -1.03 -23.02 7.10
CA GLU E 68 -1.07 -23.14 5.65
C GLU E 68 0.32 -23.33 5.07
N ASP E 69 1.26 -22.50 5.53
CA ASP E 69 2.63 -22.59 5.02
C ASP E 69 3.25 -23.95 5.36
N THR E 70 3.05 -24.41 6.59
CA THR E 70 3.66 -25.68 6.99
C THR E 70 3.00 -26.85 6.27
N ASN E 71 1.71 -26.75 5.95
CA ASN E 71 1.07 -27.79 5.15
C ASN E 71 1.66 -27.82 3.75
N LEU E 72 1.90 -26.65 3.17
CA LEU E 72 2.54 -26.61 1.86
C LEU E 72 3.91 -27.25 1.91
N SER E 73 4.69 -26.96 2.97
CA SER E 73 6.01 -27.54 3.09
C SER E 73 5.93 -29.06 3.22
N ALA E 74 4.99 -29.55 4.03
CA ALA E 74 4.86 -30.98 4.21
C ALA E 74 4.47 -31.67 2.90
N ILE E 75 3.58 -31.06 2.13
CA ILE E 75 3.25 -31.61 0.82
C ILE E 75 4.49 -31.62 -0.06
N HIS E 76 5.28 -30.55 -0.02
CA HIS E 76 6.52 -30.53 -0.78
C HIS E 76 7.45 -31.66 -0.38
N ALA E 77 7.42 -32.07 0.89
CA ALA E 77 8.20 -33.21 1.33
C ALA E 77 7.57 -34.53 0.94
N LYS E 78 6.56 -34.52 0.07
CA LYS E 78 5.88 -35.73 -0.39
C LYS E 78 5.24 -36.48 0.77
N ARG E 79 4.57 -35.74 1.65
CA ARG E 79 3.88 -36.31 2.80
C ARG E 79 2.52 -35.65 2.93
N VAL E 80 1.74 -36.12 3.89
CA VAL E 80 0.47 -35.51 4.26
C VAL E 80 0.36 -35.25 5.75
N THR E 81 1.34 -35.66 6.54
CA THR E 81 1.31 -35.49 7.98
C THR E 81 2.27 -34.36 8.37
N ILE E 82 1.72 -33.34 9.02
CA ILE E 82 2.53 -32.21 9.44
C ILE E 82 3.36 -32.61 10.65
N MET E 83 4.64 -32.27 10.62
CA MET E 83 5.57 -32.57 11.69
C MET E 83 6.43 -31.35 11.93
N PRO E 84 7.03 -31.22 13.12
CA PRO E 84 7.69 -29.95 13.47
C PRO E 84 8.81 -29.56 12.53
N LYS E 85 9.38 -30.50 11.77
CA LYS E 85 10.34 -30.12 10.74
C LYS E 85 9.72 -29.11 9.78
N ASP E 86 8.48 -29.35 9.37
CA ASP E 86 7.81 -28.45 8.44
C ASP E 86 7.60 -27.08 9.06
N ILE E 87 7.18 -27.04 10.32
CA ILE E 87 6.97 -25.75 10.98
C ILE E 87 8.28 -24.99 11.08
N GLN E 88 9.36 -25.67 11.45
CA GLN E 88 10.65 -25.00 11.55
C GLN E 88 11.10 -24.49 10.20
N LEU E 89 10.89 -25.27 9.13
CA LEU E 89 11.27 -24.81 7.81
C LEU E 89 10.49 -23.57 7.42
N ALA E 90 9.18 -23.57 7.65
CA ALA E 90 8.38 -22.41 7.29
C ALA E 90 8.80 -21.18 8.09
N ARG E 91 9.04 -21.35 9.39
CA ARG E 91 9.48 -20.24 10.21
C ARG E 91 10.80 -19.68 9.71
N ARG E 92 11.75 -20.57 9.38
CA ARG E 92 13.04 -20.10 8.89
C ARG E 92 12.90 -19.36 7.58
N ILE E 93 12.11 -19.88 6.65
CA ILE E 93 11.97 -19.24 5.36
C ILE E 93 11.30 -17.88 5.50
N ARG E 94 10.27 -17.78 6.34
CA ARG E 94 9.59 -16.50 6.52
C ARG E 94 10.40 -15.51 7.33
N GLY E 95 11.63 -15.85 7.70
CA GLY E 95 12.49 -14.91 8.39
C GLY E 95 12.10 -14.64 9.82
N GLU E 96 11.28 -15.48 10.42
CA GLU E 96 10.85 -15.29 11.80
C GLU E 96 11.85 -15.85 12.81
N ARG E 97 12.92 -16.49 12.34
CA ARG E 97 13.89 -17.10 13.24
C ARG E 97 15.19 -17.41 12.51
N LYS F 1 0.47 -13.99 41.57
CA LYS F 1 1.23 -14.28 40.35
C LYS F 1 0.55 -15.39 39.55
N VAL F 2 0.52 -15.22 38.23
CA VAL F 2 -0.09 -16.22 37.36
C VAL F 2 0.93 -17.30 37.04
N LEU F 3 0.57 -18.56 37.31
CA LEU F 3 1.49 -19.66 37.10
C LEU F 3 1.62 -19.96 35.60
N ARG F 4 2.62 -20.78 35.27
CA ARG F 4 2.94 -21.10 33.89
C ARG F 4 2.02 -22.13 33.27
N ASP F 5 1.08 -22.68 34.04
CA ASP F 5 0.17 -23.69 33.51
C ASP F 5 -0.74 -23.15 32.43
N ASN F 6 -0.86 -21.83 32.29
CA ASN F 6 -1.78 -21.26 31.32
C ASN F 6 -1.41 -21.61 29.89
N ILE F 7 -0.13 -21.91 29.61
CA ILE F 7 0.25 -22.30 28.26
C ILE F 7 -0.48 -23.58 27.85
N GLN F 8 -0.78 -24.44 28.81
CA GLN F 8 -1.57 -25.63 28.52
C GLN F 8 -3.02 -25.29 28.24
N GLY F 9 -3.45 -24.05 28.48
CA GLY F 9 -4.82 -23.68 28.17
C GLY F 9 -5.15 -23.83 26.72
N ILE F 10 -4.17 -23.66 25.83
CA ILE F 10 -4.38 -23.91 24.42
C ILE F 10 -4.45 -25.41 24.23
N THR F 11 -5.66 -25.93 24.14
CA THR F 11 -5.87 -27.37 24.19
C THR F 11 -5.48 -28.02 22.87
N LYS F 12 -5.17 -29.32 22.97
CA LYS F 12 -4.91 -30.11 21.77
C LYS F 12 -6.05 -30.05 20.76
N PRO F 13 -7.32 -30.22 21.15
CA PRO F 13 -8.39 -30.04 20.15
C PRO F 13 -8.44 -28.65 19.55
N ALA F 14 -8.11 -27.61 20.33
CA ALA F 14 -8.09 -26.27 19.78
C ALA F 14 -7.02 -26.14 18.70
N ILE F 15 -5.82 -26.65 18.97
CA ILE F 15 -4.77 -26.61 17.95
C ILE F 15 -5.19 -27.43 16.75
N ARG F 16 -5.85 -28.56 16.99
CA ARG F 16 -6.28 -29.41 15.88
C ARG F 16 -7.28 -28.67 14.99
N ARG F 17 -8.22 -27.95 15.60
CA ARG F 17 -9.21 -27.27 14.77
C ARG F 17 -8.60 -26.04 14.09
N LEU F 18 -7.59 -25.42 14.71
CA LEU F 18 -6.84 -24.39 14.00
C LEU F 18 -6.17 -24.97 12.76
N ALA F 19 -5.55 -26.14 12.89
CA ALA F 19 -4.95 -26.79 11.74
C ALA F 19 -6.00 -27.14 10.70
N ARG F 20 -7.17 -27.58 11.15
CA ARG F 20 -8.26 -27.89 10.22
C ARG F 20 -8.65 -26.67 9.41
N ARG F 21 -8.79 -25.52 10.08
CA ARG F 21 -9.06 -24.30 9.34
C ARG F 21 -7.93 -23.97 8.38
N GLY F 22 -6.69 -24.19 8.81
CA GLY F 22 -5.56 -23.98 7.93
C GLY F 22 -5.49 -24.95 6.76
N GLY F 23 -6.25 -26.03 6.80
CA GLY F 23 -6.27 -26.99 5.72
C GLY F 23 -5.42 -28.22 5.92
N VAL F 24 -5.10 -28.58 7.15
CA VAL F 24 -4.21 -29.70 7.43
C VAL F 24 -5.02 -30.99 7.47
N LYS F 25 -4.50 -32.03 6.81
CA LYS F 25 -5.18 -33.31 6.79
C LYS F 25 -5.00 -34.06 8.10
N ARG F 26 -3.75 -34.34 8.48
CA ARG F 26 -3.48 -35.03 9.73
C ARG F 26 -2.26 -34.42 10.40
N ILE F 27 -2.21 -34.56 11.71
CA ILE F 27 -1.24 -33.87 12.56
C ILE F 27 -0.43 -34.88 13.35
N SER F 28 0.89 -34.72 13.35
CA SER F 28 1.74 -35.54 14.20
C SER F 28 1.61 -35.11 15.65
N GLY F 29 1.88 -36.05 16.55
CA GLY F 29 1.70 -35.77 17.97
C GLY F 29 2.68 -34.77 18.53
N LEU F 30 3.83 -34.60 17.88
CA LEU F 30 4.85 -33.70 18.40
C LEU F 30 4.55 -32.24 18.11
N ILE F 31 3.54 -31.95 17.30
CA ILE F 31 3.26 -30.57 16.92
C ILE F 31 2.79 -29.74 18.11
N TYR F 32 1.95 -30.31 18.96
CA TYR F 32 1.19 -29.53 19.93
C TYR F 32 2.09 -28.74 20.89
N GLU F 33 3.34 -29.14 21.07
CA GLU F 33 4.24 -28.33 21.88
C GLU F 33 4.92 -27.25 21.05
N GLU F 34 5.28 -27.58 19.81
CA GLU F 34 5.88 -26.59 18.92
C GLU F 34 4.93 -25.43 18.70
N THR F 35 3.65 -25.73 18.48
CA THR F 35 2.68 -24.69 18.20
C THR F 35 2.53 -23.73 19.37
N ARG F 36 2.44 -24.27 20.60
CA ARG F 36 2.30 -23.38 21.73
C ARG F 36 3.58 -22.61 22.02
N GLY F 37 4.75 -23.17 21.73
CA GLY F 37 5.96 -22.39 21.81
C GLY F 37 5.95 -21.22 20.84
N VAL F 38 5.53 -21.48 19.60
CA VAL F 38 5.45 -20.40 18.60
C VAL F 38 4.46 -19.34 19.05
N LEU F 39 3.31 -19.77 19.56
CA LEU F 39 2.31 -18.82 20.03
C LEU F 39 2.85 -17.98 21.17
N LYS F 40 3.56 -18.60 22.11
CA LYS F 40 4.15 -17.83 23.20
C LYS F 40 5.13 -16.79 22.67
N VAL F 41 5.97 -17.17 21.71
CA VAL F 41 6.92 -16.20 21.16
C VAL F 41 6.19 -15.03 20.52
N PHE F 42 5.17 -15.33 19.70
CA PHE F 42 4.44 -14.27 19.01
C PHE F 42 3.75 -13.35 20.00
N LEU F 43 3.10 -13.91 21.01
CA LEU F 43 2.41 -13.10 22.00
C LEU F 43 3.39 -12.25 22.79
N GLU F 44 4.55 -12.81 23.14
CA GLU F 44 5.55 -12.00 23.82
C GLU F 44 5.95 -10.81 22.98
N ASN F 45 6.20 -11.04 21.68
CA ASN F 45 6.61 -9.94 20.82
C ASN F 45 5.56 -8.86 20.75
N VAL F 46 4.28 -9.24 20.61
CA VAL F 46 3.25 -8.22 20.48
C VAL F 46 3.02 -7.50 21.81
N ILE F 47 2.94 -8.23 22.91
CA ILE F 47 2.63 -7.63 24.19
C ILE F 47 3.75 -6.74 24.67
N ARG F 48 5.00 -7.06 24.33
CA ARG F 48 6.10 -6.20 24.72
C ARG F 48 5.94 -4.80 24.15
N ASP F 49 5.49 -4.69 22.90
CA ASP F 49 5.25 -3.37 22.33
C ASP F 49 3.98 -2.75 22.88
N ALA F 50 2.95 -3.55 23.12
CA ALA F 50 1.71 -2.98 23.65
C ALA F 50 1.94 -2.34 25.01
N VAL F 51 2.64 -3.04 25.91
CA VAL F 51 2.82 -2.52 27.25
C VAL F 51 3.71 -1.28 27.25
N THR F 52 4.70 -1.23 26.35
CA THR F 52 5.54 -0.03 26.32
C THR F 52 4.78 1.15 25.73
N TYR F 53 3.88 0.91 24.78
CA TYR F 53 2.99 1.97 24.34
C TYR F 53 2.17 2.51 25.50
N THR F 54 1.58 1.60 26.29
CA THR F 54 0.78 2.04 27.42
C THR F 54 1.63 2.80 28.44
N GLU F 55 2.83 2.31 28.72
CA GLU F 55 3.70 2.99 29.68
C GLU F 55 4.05 4.39 29.21
N HIS F 56 4.36 4.55 27.92
CA HIS F 56 4.60 5.89 27.40
C HIS F 56 3.35 6.75 27.52
N ALA F 57 2.18 6.15 27.38
CA ALA F 57 0.93 6.88 27.60
C ALA F 57 0.66 7.15 29.07
N LYS F 58 1.47 6.60 29.97
CA LYS F 58 1.30 6.77 31.41
C LYS F 58 -0.07 6.30 31.87
N ARG F 59 -0.50 5.16 31.36
CA ARG F 59 -1.74 4.52 31.79
C ARG F 59 -1.44 3.21 32.48
N LYS F 60 -2.44 2.71 33.20
CA LYS F 60 -2.33 1.44 33.90
C LYS F 60 -3.05 0.30 33.20
N THR F 61 -3.76 0.58 32.11
CA THR F 61 -4.47 -0.44 31.36
C THR F 61 -4.08 -0.40 29.90
N VAL F 62 -4.25 -1.53 29.22
CA VAL F 62 -3.87 -1.67 27.83
C VAL F 62 -5.12 -1.56 26.97
N THR F 63 -5.15 -0.55 26.11
CA THR F 63 -6.31 -0.33 25.27
C THR F 63 -6.19 -1.14 23.97
N ALA F 64 -7.26 -1.11 23.18
CA ALA F 64 -7.24 -1.80 21.90
C ALA F 64 -6.33 -1.10 20.90
N MET F 65 -6.26 0.24 20.95
CA MET F 65 -5.43 0.97 20.01
C MET F 65 -3.96 0.66 20.22
N ASP F 66 -3.55 0.40 21.47
CA ASP F 66 -2.17 0.00 21.70
C ASP F 66 -1.85 -1.31 20.98
N VAL F 67 -2.74 -2.28 21.07
CA VAL F 67 -2.52 -3.55 20.38
C VAL F 67 -2.52 -3.34 18.87
N VAL F 68 -3.42 -2.49 18.39
CA VAL F 68 -3.49 -2.23 16.96
C VAL F 68 -2.18 -1.63 16.47
N TYR F 69 -1.65 -0.64 17.20
CA TYR F 69 -0.39 -0.02 16.81
C TYR F 69 0.75 -1.03 16.87
N ALA F 70 0.78 -1.85 17.91
CA ALA F 70 1.85 -2.84 18.03
C ALA F 70 1.82 -3.81 16.86
N LEU F 71 0.64 -4.26 16.46
CA LEU F 71 0.54 -5.14 15.30
C LEU F 71 0.93 -4.40 14.02
N LYS F 72 0.53 -3.13 13.91
CA LYS F 72 0.85 -2.36 12.71
C LYS F 72 2.35 -2.20 12.55
N ARG F 73 3.07 -1.97 13.64
CA ARG F 73 4.51 -1.77 13.54
C ARG F 73 5.25 -3.05 13.17
N GLN F 74 4.59 -4.20 13.18
CA GLN F 74 5.18 -5.45 12.75
C GLN F 74 4.68 -5.89 11.38
N GLY F 75 4.05 -4.98 10.64
CA GLY F 75 3.50 -5.34 9.34
C GLY F 75 2.36 -6.34 9.43
N ARG F 76 1.51 -6.20 10.43
CA ARG F 76 0.37 -7.09 10.65
C ARG F 76 -0.88 -6.28 10.95
N THR F 77 -1.17 -5.32 10.08
CA THR F 77 -2.28 -4.40 10.31
C THR F 77 -3.58 -5.16 10.49
N LEU F 78 -4.39 -4.72 11.45
CA LEU F 78 -5.63 -5.36 11.82
C LEU F 78 -6.79 -4.41 11.62
N TYR F 79 -7.80 -4.84 10.88
CA TYR F 79 -9.00 -4.06 10.64
C TYR F 79 -10.11 -4.51 11.56
N GLY F 80 -10.93 -3.56 11.99
CA GLY F 80 -12.08 -3.86 12.82
C GLY F 80 -11.98 -3.43 14.26
N PHE F 81 -11.01 -2.60 14.62
CA PHE F 81 -10.90 -2.13 16.00
C PHE F 81 -10.58 -0.64 16.08
N GLY F 82 -10.82 0.11 15.02
CA GLY F 82 -10.52 1.53 15.02
C GLY F 82 -9.03 1.83 15.00
N ALA G 1 32.31 36.97 22.03
CA ALA G 1 32.90 37.23 23.34
C ALA G 1 31.89 36.95 24.45
N ARG G 2 30.72 36.45 24.06
CA ARG G 2 29.68 36.13 25.04
C ARG G 2 30.15 35.03 25.99
N ALA G 3 30.76 33.98 25.44
CA ALA G 3 31.32 32.90 26.24
C ALA G 3 32.28 32.11 25.37
N LYS G 4 33.15 31.34 26.03
CA LYS G 4 34.03 30.42 25.31
C LYS G 4 33.19 29.36 24.64
N ALA G 5 33.65 28.88 23.47
CA ALA G 5 32.89 27.92 22.69
C ALA G 5 32.77 26.60 23.45
N LYS G 6 31.60 26.34 24.00
CA LYS G 6 31.28 25.05 24.62
C LYS G 6 30.06 24.47 23.91
N THR G 7 30.30 23.50 23.04
CA THR G 7 29.20 22.87 22.32
C THR G 7 28.41 21.96 23.23
N ARG G 8 27.14 21.76 22.89
CA ARG G 8 26.28 20.91 23.69
C ARG G 8 26.81 19.48 23.77
N SER G 9 27.45 18.99 22.69
CA SER G 9 28.08 17.69 22.74
C SER G 9 29.20 17.66 23.77
N SER G 10 29.99 18.74 23.84
CA SER G 10 31.03 18.83 24.86
C SER G 10 30.42 18.85 26.26
N ARG G 11 29.30 19.56 26.42
CA ARG G 11 28.59 19.55 27.69
C ARG G 11 28.20 18.13 28.08
N ALA G 12 27.65 17.38 27.13
CA ALA G 12 27.24 16.01 27.37
C ALA G 12 28.36 15.01 27.16
N GLY G 13 29.56 15.47 26.79
CA GLY G 13 30.65 14.55 26.51
C GLY G 13 30.39 13.67 25.31
N LEU G 14 29.71 14.19 24.30
CA LEU G 14 29.40 13.44 23.10
C LEU G 14 30.33 13.82 21.97
N GLN G 15 30.32 13.02 20.91
CA GLN G 15 31.08 13.30 19.71
C GLN G 15 30.22 13.70 18.53
N PHE G 16 28.93 13.36 18.56
CA PHE G 16 28.04 13.73 17.48
C PHE G 16 27.54 15.17 17.66
N PRO G 17 27.20 15.85 16.57
CA PRO G 17 26.79 17.26 16.65
C PRO G 17 25.36 17.40 17.14
N VAL G 18 25.21 17.82 18.40
CA VAL G 18 23.88 18.02 18.96
C VAL G 18 23.13 19.09 18.18
N GLY G 19 23.82 20.16 17.81
CA GLY G 19 23.18 21.21 17.04
C GLY G 19 22.69 20.73 15.69
N ARG G 20 23.51 19.93 15.01
CA ARG G 20 23.09 19.39 13.72
C ARG G 20 21.90 18.46 13.88
N VAL G 21 21.89 17.65 14.93
CA VAL G 21 20.74 16.77 15.17
C VAL G 21 19.49 17.59 15.40
N HIS G 22 19.60 18.65 16.20
CA HIS G 22 18.44 19.51 16.47
C HIS G 22 17.94 20.15 15.19
N ARG G 23 18.86 20.66 14.36
CA ARG G 23 18.48 21.28 13.10
C ARG G 23 17.79 20.29 12.18
N LEU G 24 18.31 19.06 12.11
CA LEU G 24 17.68 18.04 11.29
C LEU G 24 16.28 17.71 11.80
N LEU G 25 16.11 17.63 13.12
CA LEU G 25 14.80 17.34 13.68
C LEU G 25 13.80 18.43 13.34
N ARG G 26 14.17 19.70 13.58
CA ARG G 26 13.22 20.77 13.33
C ARG G 26 13.05 21.06 11.85
N LYS G 27 13.94 20.58 11.00
CA LYS G 27 13.79 20.72 9.55
C LYS G 27 13.19 19.49 8.90
N GLY G 28 13.01 18.40 9.63
CA GLY G 28 12.51 17.17 9.05
C GLY G 28 11.01 17.02 9.04
N ASN G 29 10.28 18.04 9.47
CA ASN G 29 8.82 17.98 9.54
C ASN G 29 8.35 16.79 10.36
N TYR G 30 9.03 16.54 11.47
CA TYR G 30 8.65 15.45 12.36
C TYR G 30 7.63 15.88 13.40
N SER G 31 7.72 17.11 13.89
CA SER G 31 6.75 17.61 14.86
C SER G 31 6.76 19.13 14.81
N GLU G 32 5.72 19.72 15.40
CA GLU G 32 5.60 21.17 15.42
C GLU G 32 6.74 21.81 16.21
N ARG G 33 7.08 21.22 17.36
CA ARG G 33 8.15 21.73 18.20
C ARG G 33 8.97 20.56 18.74
N VAL G 34 10.23 20.85 19.06
CA VAL G 34 11.19 19.84 19.46
C VAL G 34 11.68 20.16 20.87
N GLY G 35 11.65 19.18 21.75
CA GLY G 35 12.09 19.39 23.12
C GLY G 35 13.59 19.59 23.21
N ALA G 36 14.02 20.02 24.40
CA ALA G 36 15.42 20.35 24.61
C ALA G 36 16.29 19.09 24.64
N GLY G 37 15.86 18.08 25.39
CA GLY G 37 16.68 16.89 25.57
C GLY G 37 16.64 15.90 24.43
N ALA G 38 15.71 16.05 23.50
CA ALA G 38 15.59 15.09 22.41
C ALA G 38 16.83 15.01 21.55
N PRO G 39 17.42 16.12 21.05
CA PRO G 39 18.66 15.97 20.27
C PRO G 39 19.78 15.35 21.06
N VAL G 40 19.90 15.66 22.35
CA VAL G 40 20.95 15.07 23.17
C VAL G 40 20.78 13.56 23.24
N TYR G 41 19.56 13.12 23.54
CA TYR G 41 19.31 11.69 23.66
C TYR G 41 19.57 10.99 22.33
N LEU G 42 19.09 11.57 21.24
CA LEU G 42 19.26 10.94 19.93
C LEU G 42 20.73 10.86 19.54
N ALA G 43 21.49 11.93 19.80
CA ALA G 43 22.91 11.90 19.50
C ALA G 43 23.63 10.84 20.33
N ALA G 44 23.27 10.72 21.60
CA ALA G 44 23.89 9.69 22.43
C ALA G 44 23.60 8.31 21.89
N VAL G 45 22.35 8.06 21.48
CA VAL G 45 21.99 6.74 20.97
C VAL G 45 22.75 6.44 19.68
N LEU G 46 22.82 7.42 18.78
CA LEU G 46 23.54 7.20 17.53
C LEU G 46 25.01 6.94 17.78
N GLU G 47 25.61 7.70 18.70
CA GLU G 47 27.02 7.49 19.01
C GLU G 47 27.26 6.11 19.58
N TYR G 48 26.39 5.65 20.48
CA TYR G 48 26.56 4.32 21.04
C TYR G 48 26.46 3.25 19.96
N LEU G 49 25.47 3.35 19.09
CA LEU G 49 25.30 2.34 18.05
C LEU G 49 26.50 2.31 17.11
N THR G 50 26.96 3.49 16.70
CA THR G 50 28.12 3.53 15.82
C THR G 50 29.35 2.97 16.51
N ALA G 51 29.52 3.26 17.80
CA ALA G 51 30.65 2.71 18.54
C ALA G 51 30.59 1.19 18.58
N GLU G 52 29.40 0.65 18.81
CA GLU G 52 29.25 -0.81 18.85
C GLU G 52 29.63 -1.43 17.50
N ILE G 53 29.10 -0.87 16.42
CA ILE G 53 29.38 -1.42 15.10
C ILE G 53 30.86 -1.31 14.78
N LEU G 54 31.47 -0.16 15.08
CA LEU G 54 32.88 0.03 14.78
C LEU G 54 33.75 -0.91 15.61
N GLU G 55 33.40 -1.13 16.87
CA GLU G 55 34.16 -2.06 17.68
C GLU G 55 34.10 -3.47 17.09
N LEU G 56 32.91 -3.91 16.70
CA LEU G 56 32.80 -5.25 16.12
C LEU G 56 33.57 -5.34 14.80
N ALA G 57 33.49 -4.30 13.97
CA ALA G 57 34.21 -4.32 12.71
C ALA G 57 35.72 -4.32 12.92
N GLY G 58 36.19 -3.57 13.90
CA GLY G 58 37.62 -3.57 14.19
C GLY G 58 38.10 -4.92 14.69
N ASN G 59 37.31 -5.57 15.54
CA ASN G 59 37.66 -6.92 15.97
C ASN G 59 37.72 -7.86 14.78
N ALA G 60 36.73 -7.78 13.89
CA ALA G 60 36.73 -8.65 12.72
C ALA G 60 37.94 -8.39 11.84
N ALA G 61 38.30 -7.12 11.64
CA ALA G 61 39.44 -6.79 10.80
C ALA G 61 40.74 -7.29 11.42
N ARG G 62 40.92 -7.11 12.73
CA ARG G 62 42.13 -7.60 13.36
C ARG G 62 42.19 -9.13 13.35
N ASP G 63 41.02 -9.79 13.37
CA ASP G 63 41.01 -11.23 13.20
C ASP G 63 41.38 -11.64 11.78
N ASN G 64 41.33 -10.72 10.83
CA ASN G 64 41.69 -10.98 9.45
C ASN G 64 43.07 -10.47 9.10
N LYS G 65 43.86 -10.07 10.10
CA LYS G 65 45.23 -9.60 9.90
C LYS G 65 45.27 -8.37 8.98
N LYS G 66 44.27 -7.51 9.13
CA LYS G 66 44.18 -6.29 8.35
C LYS G 66 44.03 -5.12 9.30
N THR G 67 44.39 -3.93 8.81
CA THR G 67 44.36 -2.72 9.61
C THR G 67 43.32 -1.70 9.17
N ARG G 68 42.62 -1.93 8.06
CA ARG G 68 41.59 -1.02 7.58
C ARG G 68 40.25 -1.74 7.53
N ILE G 69 39.21 -1.05 7.96
CA ILE G 69 37.87 -1.60 7.94
C ILE G 69 37.30 -1.47 6.54
N ILE G 70 36.68 -2.54 6.05
CA ILE G 70 36.11 -2.57 4.70
C ILE G 70 34.68 -3.08 4.79
N PRO G 71 33.89 -2.88 3.74
CA PRO G 71 32.51 -3.38 3.76
C PRO G 71 32.40 -4.86 4.08
N ARG G 72 33.38 -5.68 3.67
CA ARG G 72 33.35 -7.07 4.07
C ARG G 72 33.43 -7.21 5.58
N HIS G 73 34.30 -6.43 6.22
CA HIS G 73 34.41 -6.47 7.67
C HIS G 73 33.11 -6.01 8.32
N LEU G 74 32.49 -4.96 7.77
CA LEU G 74 31.22 -4.51 8.32
C LEU G 74 30.15 -5.58 8.21
N GLN G 75 30.08 -6.25 7.06
CA GLN G 75 29.10 -7.31 6.88
C GLN G 75 29.32 -8.45 7.86
N LEU G 76 30.58 -8.86 8.03
CA LEU G 76 30.86 -9.92 8.98
C LEU G 76 30.50 -9.50 10.40
N ALA G 77 30.83 -8.27 10.78
CA ALA G 77 30.54 -7.80 12.12
C ALA G 77 29.03 -7.78 12.37
N ILE G 78 28.26 -7.35 11.38
CA ILE G 78 26.82 -7.31 11.56
C ILE G 78 26.23 -8.70 11.63
N ARG G 79 26.66 -9.60 10.72
CA ARG G 79 26.09 -10.94 10.71
C ARG G 79 26.43 -11.73 11.95
N ASN G 80 27.64 -11.59 12.47
CA ASN G 80 28.05 -12.40 13.60
C ASN G 80 27.28 -12.04 14.86
N ASP G 81 27.07 -10.74 15.11
CA ASP G 81 26.33 -10.32 16.29
C ASP G 81 24.84 -10.54 16.08
N GLU G 82 24.22 -11.27 17.01
CA GLU G 82 22.79 -11.57 16.87
C GLU G 82 21.95 -10.31 16.96
N GLU G 83 22.25 -9.42 17.90
CA GLU G 83 21.45 -8.21 18.07
C GLU G 83 21.49 -7.35 16.82
N LEU G 84 22.68 -7.04 16.33
CA LEU G 84 22.79 -6.22 15.13
C LEU G 84 22.21 -6.92 13.91
N ASN G 85 22.38 -8.25 13.84
CA ASN G 85 21.82 -8.99 12.72
C ASN G 85 20.30 -8.87 12.70
N LYS G 86 19.66 -8.97 13.87
CA LYS G 86 18.22 -8.81 13.94
C LYS G 86 17.81 -7.38 13.65
N LEU G 87 18.62 -6.41 14.07
CA LEU G 87 18.30 -5.02 13.80
C LEU G 87 18.36 -4.70 12.31
N LEU G 88 19.31 -5.30 11.60
CA LEU G 88 19.57 -5.01 10.20
C LEU G 88 19.40 -6.25 9.34
N GLY G 89 18.37 -7.05 9.63
CA GLY G 89 18.14 -8.26 8.86
C GLY G 89 17.66 -8.00 7.44
N ARG G 90 17.06 -6.83 7.19
CA ARG G 90 16.55 -6.48 5.87
C ARG G 90 17.46 -5.49 5.16
N VAL G 91 18.73 -5.43 5.53
CA VAL G 91 19.67 -4.45 5.00
C VAL G 91 20.68 -5.14 4.11
N THR G 92 20.85 -4.62 2.91
CA THR G 92 21.84 -5.12 1.96
C THR G 92 23.03 -4.18 1.94
N ILE G 93 24.23 -4.74 2.04
CA ILE G 93 25.46 -3.97 2.08
C ILE G 93 26.27 -4.30 0.84
N ALA G 94 26.63 -3.26 0.09
CA ALA G 94 27.42 -3.46 -1.12
C ALA G 94 28.80 -3.99 -0.75
N GLN G 95 29.31 -4.90 -1.59
CA GLN G 95 30.64 -5.49 -1.40
C GLN G 95 30.74 -6.16 -0.03
N GLY G 96 29.66 -6.82 0.38
CA GLY G 96 29.62 -7.43 1.69
C GLY G 96 29.74 -8.94 1.66
N GLY G 97 29.28 -9.56 0.58
CA GLY G 97 29.31 -11.01 0.52
C GLY G 97 28.32 -11.62 1.50
N VAL G 98 28.58 -12.87 1.86
CA VAL G 98 27.73 -13.60 2.80
C VAL G 98 28.60 -14.20 3.88
N LEU G 99 27.97 -14.54 5.00
CA LEU G 99 28.66 -15.22 6.08
C LEU G 99 29.01 -16.63 5.66
N PRO G 100 30.29 -17.02 5.67
CA PRO G 100 30.68 -18.34 5.13
C PRO G 100 30.20 -19.46 6.04
N ASN G 101 29.28 -20.28 5.51
CA ASN G 101 28.82 -21.46 6.23
C ASN G 101 28.25 -22.45 5.21
N ILE G 102 28.45 -23.73 5.49
CA ILE G 102 27.99 -24.80 4.60
C ILE G 102 27.19 -25.79 5.43
N GLN G 103 26.07 -26.26 4.89
CA GLN G 103 25.23 -27.21 5.59
C GLN G 103 25.97 -28.52 5.80
N ALA G 104 25.79 -29.12 6.98
CA ALA G 104 26.46 -30.36 7.32
C ALA G 104 26.07 -31.52 6.41
N VAL G 105 24.87 -31.48 5.84
CA VAL G 105 24.43 -32.56 4.96
C VAL G 105 25.28 -32.62 3.70
N LEU G 106 25.72 -31.45 3.21
CA LEU G 106 26.53 -31.43 2.01
C LEU G 106 27.92 -32.00 2.24
N LEU G 107 28.48 -31.80 3.43
CA LEU G 107 29.81 -32.30 3.72
C LEU G 107 29.79 -33.83 3.77
N PRO G 108 30.80 -34.49 3.18
CA PRO G 108 30.86 -35.95 3.15
C PRO G 108 31.24 -36.55 4.51
N ARG H 1 26.53 23.62 -7.32
CA ARG H 1 27.34 23.56 -6.11
C ARG H 1 26.49 23.46 -4.85
N SER H 2 26.26 22.22 -4.41
CA SER H 2 25.51 21.97 -3.17
C SER H 2 26.45 21.39 -2.12
N ARG H 3 26.48 22.01 -0.94
CA ARG H 3 27.33 21.55 0.17
C ARG H 3 26.60 20.45 0.93
N LYS H 4 26.78 19.22 0.46
CA LYS H 4 26.17 18.07 1.13
C LYS H 4 26.86 17.81 2.47
N GLU H 5 26.11 17.20 3.39
CA GLU H 5 26.57 16.97 4.74
C GLU H 5 26.50 15.49 5.07
N SER H 6 27.46 15.03 5.88
CA SER H 6 27.51 13.66 6.33
C SER H 6 28.09 13.64 7.75
N TYR H 7 28.26 12.45 8.31
CA TYR H 7 28.80 12.28 9.65
C TYR H 7 30.22 11.72 9.62
N SER H 8 30.96 11.99 8.55
CA SER H 8 32.26 11.35 8.39
C SER H 8 33.22 11.75 9.51
N VAL H 9 33.24 13.02 9.88
CA VAL H 9 34.17 13.50 10.89
C VAL H 9 33.89 12.83 12.24
N TYR H 10 32.61 12.81 12.64
CA TYR H 10 32.27 12.25 13.94
C TYR H 10 32.45 10.74 13.94
N VAL H 11 32.15 10.08 12.82
CA VAL H 11 32.41 8.65 12.71
C VAL H 11 33.90 8.39 12.87
N TYR H 12 34.74 9.21 12.24
CA TYR H 12 36.18 9.04 12.36
C TYR H 12 36.63 9.23 13.80
N LYS H 13 36.07 10.24 14.49
CA LYS H 13 36.45 10.47 15.88
C LYS H 13 36.07 9.28 16.76
N VAL H 14 34.86 8.75 16.56
CA VAL H 14 34.43 7.59 17.35
C VAL H 14 35.33 6.39 17.04
N LEU H 15 35.68 6.20 15.78
CA LEU H 15 36.57 5.10 15.42
C LEU H 15 37.92 5.24 16.09
N LYS H 16 38.46 6.46 16.13
CA LYS H 16 39.73 6.67 16.80
C LYS H 16 39.62 6.41 18.29
N GLN H 17 38.50 6.79 18.91
CA GLN H 17 38.32 6.49 20.33
C GLN H 17 38.24 4.99 20.58
N VAL H 18 37.57 4.24 19.70
CA VAL H 18 37.38 2.81 19.95
C VAL H 18 38.64 2.03 19.60
N HIS H 19 39.04 2.06 18.33
CA HIS H 19 40.28 1.43 17.87
C HIS H 19 41.23 2.52 17.43
N PRO H 20 42.21 2.89 18.26
CA PRO H 20 43.08 4.02 17.90
C PRO H 20 43.98 3.77 16.71
N ASP H 21 44.17 2.51 16.31
CA ASP H 21 45.12 2.17 15.25
C ASP H 21 44.43 1.37 14.15
N THR H 22 43.27 1.85 13.70
CA THR H 22 42.55 1.18 12.64
C THR H 22 42.05 2.20 11.63
N GLY H 23 42.27 1.92 10.35
CA GLY H 23 41.78 2.76 9.28
C GLY H 23 40.41 2.31 8.80
N ILE H 24 39.81 3.16 7.98
CA ILE H 24 38.49 2.88 7.42
C ILE H 24 38.47 3.31 5.97
N SER H 25 37.97 2.43 5.11
CA SER H 25 37.91 2.71 3.69
C SER H 25 36.88 3.80 3.39
N SER H 26 37.08 4.48 2.26
CA SER H 26 36.14 5.51 1.84
C SER H 26 34.75 4.94 1.62
N LYS H 27 34.67 3.80 0.93
CA LYS H 27 33.37 3.18 0.70
C LYS H 27 32.73 2.70 1.99
N ALA H 28 33.57 2.30 2.96
CA ALA H 28 33.03 1.95 4.27
C ALA H 28 32.42 3.18 4.95
N MET H 29 33.05 4.34 4.79
CA MET H 29 32.53 5.56 5.39
C MET H 29 31.14 5.88 4.84
N GLY H 30 30.93 5.69 3.54
CA GLY H 30 29.61 5.89 2.98
C GLY H 30 28.60 4.93 3.56
N ILE H 31 28.99 3.69 3.80
CA ILE H 31 28.10 2.73 4.42
C ILE H 31 27.72 3.17 5.83
N MET H 32 28.71 3.66 6.59
CA MET H 32 28.41 4.15 7.92
C MET H 32 27.47 5.35 7.87
N ASN H 33 27.67 6.26 6.92
CA ASN H 33 26.78 7.40 6.79
C ASN H 33 25.36 6.95 6.48
N SER H 34 25.20 6.01 5.56
CA SER H 34 23.88 5.51 5.24
C SER H 34 23.23 4.84 6.43
N PHE H 35 24.01 4.06 7.19
CA PHE H 35 23.47 3.42 8.38
C PHE H 35 23.01 4.44 9.40
N VAL H 36 23.80 5.49 9.64
CA VAL H 36 23.42 6.52 10.60
C VAL H 36 22.15 7.22 10.15
N ASN H 37 22.07 7.55 8.86
CA ASN H 37 20.86 8.20 8.36
C ASN H 37 19.64 7.31 8.51
N ASP H 38 19.79 6.01 8.23
CA ASP H 38 18.67 5.09 8.35
C ASP H 38 18.19 5.01 9.80
N ILE H 39 19.13 4.88 10.74
CA ILE H 39 18.74 4.80 12.15
C ILE H 39 18.06 6.09 12.59
N PHE H 40 18.61 7.23 12.18
CA PHE H 40 18.02 8.52 12.53
C PHE H 40 16.59 8.61 11.99
N GLU H 41 16.39 8.21 10.74
CA GLU H 41 15.05 8.28 10.16
C GLU H 41 14.08 7.37 10.90
N ARG H 42 14.51 6.15 11.22
CA ARG H 42 13.64 5.23 11.96
C ARG H 42 13.23 5.83 13.29
N ILE H 43 14.20 6.29 14.07
CA ILE H 43 13.91 6.80 15.41
C ILE H 43 13.03 8.04 15.33
N ALA H 44 13.33 8.96 14.42
CA ALA H 44 12.55 10.18 14.31
C ALA H 44 11.12 9.88 13.89
N GLY H 45 10.94 8.98 12.92
CA GLY H 45 9.60 8.63 12.51
C GLY H 45 8.80 7.98 13.62
N GLU H 46 9.44 7.08 14.37
CA GLU H 46 8.74 6.45 15.48
C GLU H 46 8.35 7.46 16.54
N ALA H 47 9.26 8.39 16.85
CA ALA H 47 8.95 9.43 17.84
C ALA H 47 7.81 10.32 17.36
N SER H 48 7.80 10.67 16.08
CA SER H 48 6.73 11.50 15.55
C SER H 48 5.39 10.77 15.64
N ARG H 49 5.37 9.49 15.30
CA ARG H 49 4.14 8.73 15.41
C ARG H 49 3.67 8.64 16.86
N LEU H 50 4.61 8.45 17.79
CA LEU H 50 4.22 8.43 19.20
C LEU H 50 3.61 9.74 19.64
N ALA H 51 4.23 10.86 19.25
CA ALA H 51 3.69 12.16 19.62
C ALA H 51 2.31 12.37 19.03
N HIS H 52 2.11 11.96 17.78
CA HIS H 52 0.79 12.08 17.17
C HIS H 52 -0.23 11.20 17.88
N TYR H 53 0.16 9.98 18.24
CA TYR H 53 -0.76 9.07 18.94
C TYR H 53 -1.20 9.67 20.27
N ASN H 54 -0.26 10.22 21.03
CA ASN H 54 -0.61 10.83 22.30
C ASN H 54 -1.20 12.23 22.15
N LYS H 55 -1.57 12.61 20.93
CA LYS H 55 -2.19 13.92 20.66
C LYS H 55 -1.32 15.06 21.19
N ARG H 56 -0.02 14.85 21.17
CA ARG H 56 0.94 15.86 21.60
C ARG H 56 1.44 16.63 20.39
N SER H 57 2.28 17.63 20.65
CA SER H 57 2.88 18.42 19.59
C SER H 57 4.37 18.62 19.77
N THR H 58 4.97 18.05 20.81
CA THR H 58 6.38 18.25 21.12
C THR H 58 7.08 16.90 21.22
N ILE H 59 8.25 16.80 20.60
CA ILE H 59 9.08 15.61 20.72
C ILE H 59 10.11 15.87 21.83
N THR H 60 10.00 15.14 22.92
CA THR H 60 10.90 15.29 24.06
C THR H 60 11.75 14.04 24.20
N SER H 61 12.54 14.01 25.28
CA SER H 61 13.40 12.87 25.52
C SER H 61 12.59 11.60 25.75
N ARG H 62 11.41 11.72 26.36
CA ARG H 62 10.60 10.54 26.66
C ARG H 62 10.17 9.83 25.39
N GLU H 63 9.77 10.59 24.38
CA GLU H 63 9.35 9.97 23.11
C GLU H 63 10.50 9.23 22.46
N ILE H 64 11.70 9.80 22.51
CA ILE H 64 12.86 9.12 21.94
C ILE H 64 13.21 7.88 22.74
N GLN H 65 13.07 7.95 24.07
CA GLN H 65 13.24 6.75 24.89
C GLN H 65 12.32 5.64 24.44
N THR H 66 11.04 5.96 24.30
CA THR H 66 10.07 4.94 23.90
C THR H 66 10.36 4.42 22.50
N ALA H 67 10.76 5.30 21.59
CA ALA H 67 11.09 4.86 20.23
C ALA H 67 12.28 3.91 20.23
N VAL H 68 13.29 4.22 21.05
CA VAL H 68 14.45 3.34 21.16
C VAL H 68 14.03 1.98 21.72
N ARG H 69 13.19 1.99 22.76
CA ARG H 69 12.71 0.72 23.31
C ARG H 69 11.94 -0.07 22.27
N LEU H 70 11.17 0.62 21.42
CA LEU H 70 10.43 -0.08 20.38
C LEU H 70 11.36 -0.67 19.33
N LEU H 71 12.41 0.05 18.95
CA LEU H 71 13.25 -0.37 17.83
C LEU H 71 14.32 -1.35 18.25
N LEU H 72 15.21 -0.95 19.15
CA LEU H 72 16.36 -1.77 19.46
C LEU H 72 15.93 -2.98 20.29
N PRO H 73 16.47 -4.16 20.00
CA PRO H 73 16.07 -5.36 20.75
C PRO H 73 16.93 -5.67 21.97
N GLY H 74 16.27 -5.86 23.11
CA GLY H 74 16.93 -6.49 24.26
C GLY H 74 18.12 -5.71 24.78
N GLU H 75 19.25 -6.41 24.88
CA GLU H 75 20.44 -5.85 25.52
C GLU H 75 20.88 -4.57 24.84
N LEU H 76 20.79 -4.53 23.51
CA LEU H 76 21.14 -3.32 22.78
C LEU H 76 20.27 -2.16 23.20
N ALA H 77 18.95 -2.39 23.32
CA ALA H 77 18.05 -1.35 23.76
C ALA H 77 18.36 -0.89 25.17
N LYS H 78 18.65 -1.84 26.07
CA LYS H 78 18.96 -1.47 27.45
C LYS H 78 20.20 -0.58 27.51
N HIS H 79 21.26 -0.98 26.81
CA HIS H 79 22.47 -0.17 26.83
C HIS H 79 22.26 1.19 26.20
N ALA H 80 21.52 1.24 25.10
CA ALA H 80 21.27 2.52 24.45
C ALA H 80 20.47 3.45 25.35
N VAL H 81 19.46 2.91 26.03
CA VAL H 81 18.66 3.73 26.95
C VAL H 81 19.53 4.24 28.09
N SER H 82 20.38 3.37 28.64
CA SER H 82 21.27 3.81 29.71
C SER H 82 22.16 4.95 29.24
N GLU H 83 22.75 4.80 28.05
CA GLU H 83 23.63 5.83 27.53
C GLU H 83 22.90 7.15 27.32
N GLY H 84 21.70 7.08 26.73
CA GLY H 84 20.94 8.30 26.49
C GLY H 84 20.54 9.00 27.76
N THR H 85 20.08 8.23 28.76
CA THR H 85 19.72 8.82 30.03
C THR H 85 20.92 9.47 30.70
N LYS H 86 22.08 8.80 30.67
CA LYS H 86 23.27 9.39 31.27
C LYS H 86 23.66 10.67 30.55
N ALA H 87 23.58 10.68 29.22
CA ALA H 87 23.93 11.90 28.47
C ALA H 87 22.99 13.04 28.81
N VAL H 88 21.69 12.75 28.89
CA VAL H 88 20.73 13.81 29.21
C VAL H 88 20.97 14.32 30.62
N THR H 89 21.27 13.42 31.56
CA THR H 89 21.55 13.84 32.93
C THR H 89 22.76 14.76 32.98
N LYS H 90 23.84 14.38 32.29
CA LYS H 90 25.03 15.23 32.27
C LYS H 90 24.75 16.57 31.63
N TYR H 91 23.98 16.59 30.54
CA TYR H 91 23.68 17.84 29.87
C TYR H 91 22.84 18.75 30.76
N THR H 92 21.88 18.18 31.48
CA THR H 92 21.09 18.98 32.40
C THR H 92 21.94 19.52 33.54
N SER H 93 22.84 18.69 34.08
CA SER H 93 23.71 19.13 35.16
C SER H 93 24.64 20.25 34.70
N ALA H 94 25.15 20.15 33.48
CA ALA H 94 26.03 21.18 32.94
C ALA H 94 25.28 22.49 32.71
N MET K 1 -17.18 11.36 -36.83
CA MET K 1 -17.91 10.75 -35.72
C MET K 1 -18.83 11.76 -35.06
N ALA K 2 -18.24 12.73 -34.36
CA ALA K 2 -19.04 13.76 -33.71
C ALA K 2 -19.86 14.54 -34.74
N LEU K 3 -19.23 14.92 -35.85
CA LEU K 3 -19.96 15.53 -36.95
C LEU K 3 -20.98 14.58 -37.53
N LYS K 4 -20.62 13.29 -37.62
CA LYS K 4 -21.57 12.28 -38.08
C LYS K 4 -22.77 12.19 -37.15
N ARG K 5 -22.52 12.22 -35.84
CA ARG K 5 -23.62 12.21 -34.87
C ARG K 5 -24.49 13.45 -35.02
N ILE K 6 -23.88 14.61 -35.23
CA ILE K 6 -24.64 15.85 -35.41
C ILE K 6 -25.52 15.74 -36.64
N ASN K 7 -24.96 15.25 -37.76
CA ASN K 7 -25.74 15.14 -38.98
C ASN K 7 -26.87 14.14 -38.82
N LYS K 8 -26.60 13.00 -38.16
CA LYS K 8 -27.65 12.01 -37.95
C LYS K 8 -28.78 12.58 -37.08
N GLU K 9 -28.43 13.30 -36.02
CA GLU K 9 -29.44 13.91 -35.17
C GLU K 9 -30.23 14.97 -35.92
N LEU K 10 -29.55 15.76 -36.77
CA LEU K 10 -30.25 16.74 -37.58
C LEU K 10 -31.23 16.07 -38.53
N SER K 11 -30.81 14.97 -39.15
CA SER K 11 -31.69 14.24 -40.05
C SER K 11 -32.91 13.70 -39.32
N ASP K 12 -32.69 13.13 -38.13
CA ASP K 12 -33.81 12.60 -37.35
C ASP K 12 -34.74 13.70 -36.88
N LEU K 13 -34.18 14.85 -36.50
CA LEU K 13 -35.00 16.00 -36.11
C LEU K 13 -35.83 16.49 -37.28
N ALA K 14 -35.24 16.52 -38.47
CA ALA K 14 -35.99 16.89 -39.66
C ALA K 14 -37.12 15.90 -39.93
N ARG K 15 -36.84 14.62 -39.71
CA ARG K 15 -37.84 13.58 -39.91
C ARG K 15 -38.85 13.54 -38.76
N ASP K 16 -38.42 13.98 -37.58
CA ASP K 16 -39.28 14.00 -36.39
C ASP K 16 -39.23 15.38 -35.75
N PRO K 17 -39.85 16.37 -36.39
CA PRO K 17 -39.87 17.71 -35.81
C PRO K 17 -40.76 17.78 -34.59
N PRO K 18 -40.33 18.47 -33.53
CA PRO K 18 -41.17 18.59 -32.34
C PRO K 18 -42.32 19.58 -32.58
N ALA K 19 -43.28 19.55 -31.66
CA ALA K 19 -44.43 20.44 -31.73
C ALA K 19 -44.07 21.90 -31.60
N GLN K 20 -43.19 22.26 -30.66
CA GLN K 20 -42.81 23.65 -30.45
C GLN K 20 -41.31 23.87 -30.67
N SER K 21 -40.46 23.06 -30.04
CA SER K 21 -39.03 23.29 -30.08
C SER K 21 -38.46 23.03 -31.48
N SER K 22 -37.42 23.79 -31.81
CA SER K 22 -36.76 23.67 -33.10
C SER K 22 -35.34 24.17 -32.96
N ALA K 23 -34.42 23.52 -33.68
CA ALA K 23 -33.02 23.89 -33.64
C ALA K 23 -32.34 23.39 -34.91
N GLY K 24 -31.19 23.98 -35.21
CA GLY K 24 -30.41 23.58 -36.36
C GLY K 24 -29.13 24.38 -36.49
N PRO K 25 -28.22 23.91 -37.34
CA PRO K 25 -26.97 24.64 -37.55
C PRO K 25 -27.21 26.00 -38.18
N VAL K 26 -26.41 26.97 -37.74
CA VAL K 26 -26.54 28.34 -38.23
C VAL K 26 -25.16 28.92 -38.53
N MET K 30 -22.97 23.42 -37.75
CA MET K 30 -22.90 22.00 -37.43
C MET K 30 -22.63 21.80 -35.95
N PHE K 31 -21.44 22.18 -35.51
CA PHE K 31 -21.08 22.10 -34.11
C PHE K 31 -21.63 23.25 -33.29
N HIS K 32 -22.23 24.25 -33.93
CA HIS K 32 -23.00 25.29 -33.26
C HIS K 32 -24.39 25.31 -33.84
N TRP K 33 -25.41 25.25 -32.98
CA TRP K 33 -26.79 25.29 -33.40
C TRP K 33 -27.53 26.42 -32.68
N GLN K 34 -28.50 26.99 -33.37
CA GLN K 34 -29.44 27.93 -32.76
C GLN K 34 -30.74 27.21 -32.47
N ALA K 35 -31.21 27.34 -31.23
CA ALA K 35 -32.42 26.65 -30.79
C ALA K 35 -33.49 27.67 -30.42
N THR K 36 -34.70 27.40 -30.91
CA THR K 36 -35.86 28.25 -30.64
C THR K 36 -36.97 27.38 -30.08
N ILE K 37 -37.49 27.76 -28.91
CA ILE K 37 -38.53 27.00 -28.25
C ILE K 37 -39.67 27.93 -27.88
N MET K 38 -40.89 27.44 -28.10
CA MET K 38 -42.09 28.16 -27.67
C MET K 38 -42.34 27.89 -26.20
N GLY K 39 -42.69 28.95 -25.47
CA GLY K 39 -43.07 28.82 -24.08
C GLY K 39 -44.28 27.90 -23.94
N PRO K 40 -44.08 26.75 -23.30
CA PRO K 40 -45.16 25.77 -23.20
C PRO K 40 -46.36 26.34 -22.45
N ASN K 41 -47.55 25.89 -22.86
CA ASN K 41 -48.78 26.37 -22.24
C ASN K 41 -48.91 25.84 -20.82
N ASP K 42 -49.97 26.28 -20.14
CA ASP K 42 -50.24 25.96 -18.75
C ASP K 42 -49.13 26.44 -17.83
N SER K 43 -48.33 27.40 -18.27
CA SER K 43 -47.19 27.93 -17.54
C SER K 43 -47.20 29.44 -17.60
N PRO K 44 -46.54 30.12 -16.65
CA PRO K 44 -46.40 31.58 -16.75
C PRO K 44 -45.64 32.02 -17.99
N TYR K 45 -44.84 31.16 -18.59
CA TYR K 45 -44.06 31.47 -19.79
C TYR K 45 -44.80 31.12 -21.07
N GLN K 46 -46.08 30.73 -20.98
CA GLN K 46 -46.82 30.30 -22.15
C GLN K 46 -46.86 31.39 -23.22
N GLY K 47 -46.58 30.99 -24.46
CA GLY K 47 -46.60 31.90 -25.58
C GLY K 47 -45.28 32.56 -25.91
N GLY K 48 -44.30 32.48 -25.00
CA GLY K 48 -43.02 33.12 -25.25
C GLY K 48 -42.16 32.32 -26.22
N VAL K 49 -41.40 33.05 -27.03
CA VAL K 49 -40.49 32.46 -28.00
C VAL K 49 -39.07 32.71 -27.50
N PHE K 50 -38.40 31.65 -27.06
CA PHE K 50 -37.08 31.75 -26.47
C PHE K 50 -36.05 31.20 -27.45
N PHE K 51 -34.98 31.96 -27.66
CA PHE K 51 -33.90 31.56 -28.56
C PHE K 51 -32.73 31.04 -27.74
N LEU K 52 -32.06 30.03 -28.27
CA LEU K 52 -30.95 29.40 -27.57
C LEU K 52 -29.79 29.18 -28.52
N THR K 53 -28.59 29.13 -27.96
CA THR K 53 -27.37 28.81 -28.70
C THR K 53 -26.85 27.46 -28.20
N ILE K 54 -26.40 26.63 -29.14
CA ILE K 54 -25.89 25.30 -28.83
C ILE K 54 -24.45 25.23 -29.31
N HIS K 55 -23.56 24.71 -28.46
CA HIS K 55 -22.16 24.50 -28.82
C HIS K 55 -21.82 23.05 -28.57
N PHE K 56 -21.59 22.30 -29.64
CA PHE K 56 -21.30 20.88 -29.52
C PHE K 56 -19.81 20.66 -29.27
N PRO K 57 -19.43 19.90 -28.24
CA PRO K 57 -18.02 19.59 -28.03
C PRO K 57 -17.48 18.64 -29.09
N THR K 58 -16.16 18.64 -29.23
CA THR K 58 -15.51 17.78 -30.22
C THR K 58 -15.68 16.29 -29.91
N ASP K 59 -15.97 15.93 -28.67
CA ASP K 59 -16.20 14.53 -28.29
C ASP K 59 -17.68 14.21 -28.13
N TYR K 60 -18.56 15.08 -28.63
CA TYR K 60 -19.98 14.81 -28.59
C TYR K 60 -20.29 13.54 -29.35
N PRO K 61 -21.26 12.72 -28.90
CA PRO K 61 -22.17 12.92 -27.77
C PRO K 61 -21.61 12.45 -26.43
N PHE K 62 -20.35 12.05 -26.42
CA PHE K 62 -19.75 11.53 -25.19
C PHE K 62 -19.53 12.61 -24.14
N LYS K 63 -19.68 13.88 -24.50
CA LYS K 63 -19.67 14.98 -23.56
C LYS K 63 -20.91 15.84 -23.75
N PRO K 64 -21.44 16.44 -22.69
CA PRO K 64 -22.63 17.28 -22.84
C PRO K 64 -22.31 18.53 -23.65
N PRO K 65 -23.27 19.03 -24.41
CA PRO K 65 -23.02 20.23 -25.21
C PRO K 65 -23.14 21.49 -24.37
N LYS K 66 -22.56 22.57 -24.88
CA LYS K 66 -22.63 23.88 -24.24
C LYS K 66 -23.81 24.64 -24.82
N VAL K 67 -24.86 24.81 -24.01
CA VAL K 67 -26.09 25.48 -24.44
C VAL K 67 -26.42 26.56 -23.41
N ALA K 68 -26.69 27.78 -23.90
CA ALA K 68 -27.02 28.89 -23.03
C ALA K 68 -28.24 29.62 -23.58
N PHE K 69 -29.05 30.14 -22.67
CA PHE K 69 -30.22 30.92 -23.05
C PHE K 69 -29.79 32.26 -23.64
N THR K 70 -30.45 32.65 -24.74
CA THR K 70 -30.25 33.97 -25.31
C THR K 70 -31.47 34.87 -25.17
N THR K 71 -32.57 34.37 -24.63
CA THR K 71 -33.76 35.15 -24.34
C THR K 71 -33.89 35.29 -22.82
N ARG K 72 -34.03 36.52 -22.35
CA ARG K 72 -34.15 36.75 -20.92
C ARG K 72 -35.45 36.13 -20.40
N ILE K 73 -35.37 35.51 -19.23
CA ILE K 73 -36.49 34.76 -18.67
C ILE K 73 -36.37 34.80 -17.14
N TYR K 74 -37.52 34.79 -16.48
CA TYR K 74 -37.60 34.81 -15.03
C TYR K 74 -37.74 33.38 -14.53
N HIS K 75 -36.62 32.75 -14.19
CA HIS K 75 -36.63 31.36 -13.74
C HIS K 75 -35.47 31.13 -12.78
N PRO K 76 -35.69 30.39 -11.68
CA PRO K 76 -34.63 30.21 -10.69
C PRO K 76 -33.39 29.53 -11.24
N ASN K 77 -33.54 28.60 -12.18
CA ASN K 77 -32.42 27.79 -12.66
C ASN K 77 -31.71 28.41 -13.85
N ILE K 78 -32.09 29.63 -14.24
CA ILE K 78 -31.46 30.32 -15.36
C ILE K 78 -30.98 31.67 -14.87
N ASN K 79 -29.71 31.99 -15.13
CA ASN K 79 -29.12 33.25 -14.71
C ASN K 79 -29.31 34.30 -15.80
N SER K 80 -28.66 35.45 -15.61
CA SER K 80 -28.70 36.52 -16.60
C SER K 80 -27.88 36.22 -17.84
N ASN K 81 -26.84 35.39 -17.72
CA ASN K 81 -25.99 35.05 -18.85
C ASN K 81 -26.57 33.92 -19.69
N GLY K 82 -27.72 33.38 -19.32
CA GLY K 82 -28.34 32.30 -20.05
C GLY K 82 -27.89 30.91 -19.64
N SER K 83 -27.04 30.80 -18.62
CA SER K 83 -26.61 29.49 -18.15
C SER K 83 -27.80 28.71 -17.61
N ILE K 84 -27.77 27.39 -17.83
CA ILE K 84 -28.84 26.50 -17.41
C ILE K 84 -28.26 25.48 -16.45
N CYS K 85 -28.75 25.48 -15.20
CA CYS K 85 -28.32 24.53 -14.20
C CYS K 85 -29.12 23.25 -14.40
N LEU K 86 -28.57 22.33 -15.18
CA LEU K 86 -29.28 21.10 -15.51
C LEU K 86 -28.35 19.92 -15.26
N ASP K 87 -28.85 18.92 -14.54
CA ASP K 87 -28.02 17.76 -14.23
C ASP K 87 -27.60 17.00 -15.48
N ILE K 88 -28.51 16.84 -16.44
CA ILE K 88 -28.16 16.16 -17.68
C ILE K 88 -27.23 17.01 -18.52
N LEU K 89 -27.08 18.28 -18.19
CA LEU K 89 -26.08 19.14 -18.81
C LEU K 89 -24.73 19.07 -18.12
N ARG K 90 -24.71 18.70 -16.84
CA ARG K 90 -23.47 18.72 -16.07
C ARG K 90 -23.07 17.32 -15.62
N SER K 91 -24.00 16.60 -15.01
CA SER K 91 -23.67 15.30 -14.43
C SER K 91 -24.38 14.15 -15.13
N GLN K 92 -25.69 14.29 -15.37
CA GLN K 92 -26.51 13.20 -15.88
C GLN K 92 -26.51 13.13 -17.40
N TRP K 93 -25.49 13.67 -18.06
CA TRP K 93 -25.41 13.57 -19.50
C TRP K 93 -25.17 12.13 -19.95
N SER K 94 -25.78 11.76 -21.07
CA SER K 94 -25.54 10.47 -21.69
C SER K 94 -25.42 10.69 -23.18
N PRO K 95 -24.50 9.99 -23.85
CA PRO K 95 -24.44 10.07 -25.31
C PRO K 95 -25.70 9.58 -26.00
N ALA K 96 -26.45 8.67 -25.37
CA ALA K 96 -27.67 8.16 -25.96
C ALA K 96 -28.77 9.20 -26.00
N LEU K 97 -28.61 10.31 -25.29
CA LEU K 97 -29.62 11.36 -25.27
C LEU K 97 -29.67 12.07 -26.62
N THR K 98 -30.80 12.75 -26.85
CA THR K 98 -30.99 13.54 -28.05
C THR K 98 -31.23 14.99 -27.67
N ILE K 99 -31.01 15.89 -28.62
CA ILE K 99 -31.23 17.31 -28.38
C ILE K 99 -32.69 17.57 -28.05
N SER K 100 -33.60 16.89 -28.76
CA SER K 100 -35.03 17.08 -28.52
C SER K 100 -35.41 16.66 -27.10
N LYS K 101 -34.81 15.59 -26.61
CA LYS K 101 -35.02 15.20 -25.21
C LYS K 101 -34.55 16.29 -24.26
N VAL K 102 -33.42 16.94 -24.58
CA VAL K 102 -32.93 18.05 -23.77
C VAL K 102 -33.94 19.19 -23.79
N LEU K 103 -34.50 19.48 -24.96
CA LEU K 103 -35.49 20.55 -25.06
C LEU K 103 -36.73 20.23 -24.24
N LEU K 104 -37.18 18.98 -24.28
CA LEU K 104 -38.33 18.56 -23.48
C LEU K 104 -38.02 18.68 -21.99
N SER K 105 -36.81 18.29 -21.59
CA SER K 105 -36.42 18.44 -20.19
C SER K 105 -36.39 19.91 -19.79
N ILE K 106 -35.94 20.78 -20.69
CA ILE K 106 -35.94 22.21 -20.42
C ILE K 106 -37.37 22.71 -20.24
N SER K 107 -38.28 22.28 -21.10
CA SER K 107 -39.67 22.67 -20.96
C SER K 107 -40.26 22.19 -19.64
N SER K 108 -39.93 20.95 -19.25
CA SER K 108 -40.41 20.43 -17.97
C SER K 108 -39.86 21.23 -16.80
N LEU K 109 -38.57 21.59 -16.84
CA LEU K 109 -37.98 22.38 -15.77
C LEU K 109 -38.59 23.77 -15.72
N LEU K 110 -38.94 24.33 -16.88
CA LEU K 110 -39.66 25.59 -16.91
C LEU K 110 -41.02 25.45 -16.26
N SER K 111 -41.70 24.33 -16.50
CA SER K 111 -42.98 24.07 -15.84
C SER K 111 -42.81 23.77 -14.35
N ASP K 112 -41.65 23.28 -13.94
CA ASP K 112 -41.39 22.95 -12.53
C ASP K 112 -39.97 23.36 -12.17
N PRO K 113 -39.78 24.60 -11.74
CA PRO K 113 -38.45 25.04 -11.30
C PRO K 113 -37.99 24.29 -10.07
N ASN K 114 -36.67 24.16 -9.94
CA ASN K 114 -36.03 23.49 -8.80
C ASN K 114 -35.43 24.58 -7.91
N PRO K 115 -36.17 25.00 -6.87
CA PRO K 115 -35.64 26.04 -5.98
C PRO K 115 -34.45 25.60 -5.15
N ASP K 116 -34.21 24.30 -5.03
CA ASP K 116 -33.09 23.80 -4.24
C ASP K 116 -31.75 24.01 -4.92
N ASP K 117 -31.69 24.01 -6.24
CA ASP K 117 -30.47 24.26 -7.00
C ASP K 117 -30.73 25.29 -8.08
N PRO K 118 -30.96 26.54 -7.69
CA PRO K 118 -31.21 27.60 -8.67
C PRO K 118 -29.93 28.33 -9.06
N LEU K 119 -30.03 29.10 -10.14
CA LEU K 119 -28.95 30.00 -10.53
C LEU K 119 -29.18 31.43 -10.04
N VAL K 120 -30.42 31.85 -9.90
CA VAL K 120 -30.73 33.14 -9.30
C VAL K 120 -31.51 32.88 -8.02
N PRO K 121 -30.88 32.99 -6.84
CA PRO K 121 -31.58 32.64 -5.60
C PRO K 121 -32.83 33.47 -5.35
N GLU K 122 -32.87 34.73 -5.79
CA GLU K 122 -34.04 35.56 -5.55
C GLU K 122 -35.28 35.02 -6.25
N ILE K 123 -35.10 34.52 -7.49
CA ILE K 123 -36.23 33.95 -8.21
C ILE K 123 -36.76 32.72 -7.50
N ALA K 124 -35.85 31.86 -7.00
CA ALA K 124 -36.29 30.70 -6.23
C ALA K 124 -36.98 31.12 -4.94
N ARG K 125 -36.51 32.21 -4.32
CA ARG K 125 -37.15 32.72 -3.12
C ARG K 125 -38.59 33.15 -3.41
N ILE K 126 -38.78 33.88 -4.51
CA ILE K 126 -40.13 34.28 -4.90
C ILE K 126 -40.99 33.05 -5.22
N TYR K 127 -40.39 32.07 -5.88
CA TYR K 127 -41.10 30.84 -6.22
C TYR K 127 -41.58 30.11 -4.97
N LYS K 128 -40.72 30.03 -3.95
CA LYS K 128 -41.07 29.31 -2.73
C LYS K 128 -42.02 30.10 -1.84
N THR K 129 -41.87 31.42 -1.77
CA THR K 129 -42.66 32.23 -0.85
C THR K 129 -43.99 32.68 -1.42
N ASP K 130 -44.08 32.90 -2.73
CA ASP K 130 -45.33 33.34 -3.35
C ASP K 130 -45.36 32.79 -4.78
N ARG K 131 -46.06 31.67 -4.94
CA ARG K 131 -46.18 31.05 -6.26
C ARG K 131 -46.88 31.99 -7.25
N ASP K 132 -47.92 32.69 -6.78
CA ASP K 132 -48.61 33.63 -7.65
C ASP K 132 -47.69 34.77 -8.08
N LYS K 133 -46.89 35.29 -7.15
CA LYS K 133 -45.94 36.35 -7.52
C LYS K 133 -44.91 35.84 -8.51
N TYR K 134 -44.41 34.61 -8.32
CA TYR K 134 -43.47 34.04 -9.26
C TYR K 134 -44.10 33.91 -10.64
N ASN K 135 -45.35 33.43 -10.69
CA ASN K 135 -46.04 33.29 -11.98
C ASN K 135 -46.23 34.64 -12.65
N ARG K 136 -46.63 35.65 -11.89
CA ARG K 136 -46.88 36.96 -12.46
C ARG K 136 -45.59 37.58 -13.00
N ILE K 137 -44.51 37.51 -12.22
CA ILE K 137 -43.24 38.08 -12.67
C ILE K 137 -42.70 37.29 -13.86
N SER K 138 -42.88 35.96 -13.86
CA SER K 138 -42.44 35.15 -14.98
C SER K 138 -43.19 35.50 -16.25
N ARG K 139 -44.51 35.72 -16.14
CA ARG K 139 -45.27 36.14 -17.31
C ARG K 139 -44.86 37.54 -17.77
N GLU K 140 -44.59 38.44 -16.83
CA GLU K 140 -44.08 39.76 -17.18
C GLU K 140 -42.79 39.66 -17.98
N TRP K 141 -41.86 38.84 -17.50
CA TRP K 141 -40.58 38.66 -18.20
C TRP K 141 -40.77 37.99 -19.55
N THR K 142 -41.67 37.01 -19.64
CA THR K 142 -41.93 36.34 -20.91
C THR K 142 -42.48 37.33 -21.94
N GLN K 143 -43.41 38.18 -21.51
CA GLN K 143 -43.94 39.20 -22.42
C GLN K 143 -42.89 40.25 -22.75
N LYS K 144 -42.00 40.55 -21.80
CA LYS K 144 -41.02 41.62 -22.00
C LYS K 144 -39.91 41.20 -22.95
N TYR K 145 -39.42 39.97 -22.82
CA TYR K 145 -38.25 39.53 -23.58
C TYR K 145 -38.53 38.40 -24.55
N ALA K 146 -39.53 37.56 -24.29
CA ALA K 146 -39.80 36.40 -25.14
C ALA K 146 -41.04 36.58 -26.02
N MET K 147 -41.63 37.76 -26.04
CA MET K 147 -42.79 38.02 -26.89
C MET K 147 -42.61 39.33 -27.64
N GLN L 15 -26.46 -2.23 -35.86
CA GLN L 15 -25.91 -0.88 -35.76
C GLN L 15 -25.56 -0.59 -34.31
N CYS L 16 -24.51 0.20 -34.10
CA CYS L 16 -24.13 0.57 -32.74
C CYS L 16 -25.26 1.30 -32.06
N GLY L 17 -25.48 0.99 -30.79
CA GLY L 17 -26.47 1.74 -30.03
C GLY L 17 -26.17 3.22 -29.91
N ILE L 18 -24.92 3.60 -30.13
CA ILE L 18 -24.52 5.00 -30.06
C ILE L 18 -24.13 5.55 -31.42
N CYS L 19 -23.13 4.95 -32.07
CA CYS L 19 -22.66 5.44 -33.35
C CYS L 19 -23.58 5.09 -34.52
N MET L 20 -24.41 4.06 -34.37
CA MET L 20 -25.36 3.57 -35.36
C MET L 20 -24.68 3.01 -36.60
N GLU L 21 -23.36 2.89 -36.63
CA GLU L 21 -22.69 2.22 -37.74
C GLU L 21 -22.74 0.70 -37.52
N ILE L 22 -22.37 -0.03 -38.58
CA ILE L 22 -22.40 -1.48 -38.52
C ILE L 22 -21.48 -1.97 -37.39
N LEU L 23 -21.97 -2.95 -36.62
CA LEU L 23 -21.25 -3.45 -35.45
C LEU L 23 -19.98 -4.15 -35.89
N VAL L 24 -18.84 -3.50 -35.67
CA VAL L 24 -17.53 -4.10 -35.91
C VAL L 24 -16.97 -4.55 -34.56
N GLU L 25 -16.84 -5.86 -34.38
CA GLU L 25 -16.45 -6.48 -33.12
C GLU L 25 -17.30 -5.92 -31.97
N PRO L 26 -18.61 -6.11 -32.01
CA PRO L 26 -19.48 -5.49 -31.00
C PRO L 26 -19.17 -6.01 -29.60
N VAL L 27 -19.30 -5.12 -28.62
CA VAL L 27 -18.99 -5.43 -27.23
C VAL L 27 -20.32 -5.47 -26.47
N THR L 28 -20.62 -6.60 -25.85
CA THR L 28 -21.86 -6.80 -25.12
C THR L 28 -21.60 -6.63 -23.64
N LEU L 29 -22.39 -5.78 -23.00
CA LEU L 29 -22.28 -5.53 -21.57
C LEU L 29 -22.91 -6.69 -20.80
N PRO L 30 -22.50 -6.89 -19.55
CA PRO L 30 -23.17 -7.91 -18.71
C PRO L 30 -24.64 -7.62 -18.50
N CYS L 31 -25.06 -6.37 -18.62
CA CYS L 31 -26.48 -6.02 -18.56
C CYS L 31 -27.22 -6.31 -19.86
N ASN L 32 -26.61 -7.07 -20.76
CA ASN L 32 -27.17 -7.52 -22.05
C ASN L 32 -27.22 -6.41 -23.08
N HIS L 33 -26.48 -5.32 -22.89
CA HIS L 33 -26.45 -4.24 -23.85
C HIS L 33 -25.18 -4.30 -24.69
N THR L 34 -25.31 -3.98 -25.98
CA THR L 34 -24.23 -4.13 -26.94
C THR L 34 -24.05 -2.84 -27.75
N LEU L 35 -22.81 -2.58 -28.15
CA LEU L 35 -22.49 -1.45 -29.01
C LEU L 35 -21.16 -1.75 -29.71
N CYS L 36 -20.86 -0.94 -30.72
CA CYS L 36 -19.66 -1.14 -31.52
C CYS L 36 -18.41 -0.92 -30.68
N LYS L 37 -17.36 -1.65 -31.01
CA LYS L 37 -16.10 -1.56 -30.27
C LYS L 37 -15.48 -0.16 -30.31
N PRO L 38 -15.43 0.56 -31.44
CA PRO L 38 -14.94 1.95 -31.38
C PRO L 38 -15.73 2.83 -30.42
N CYS L 39 -17.05 2.87 -30.57
CA CYS L 39 -17.87 3.64 -29.64
C CYS L 39 -17.74 3.13 -28.21
N PHE L 40 -17.60 1.81 -28.05
CA PHE L 40 -17.42 1.24 -26.72
C PHE L 40 -16.17 1.79 -26.06
N GLN L 41 -15.02 1.70 -26.75
CA GLN L 41 -13.78 2.20 -26.18
C GLN L 41 -13.84 3.70 -25.94
N SER L 42 -14.50 4.44 -26.85
CA SER L 42 -14.61 5.88 -26.73
C SER L 42 -15.45 6.34 -25.54
N THR L 43 -16.56 5.65 -25.24
CA THR L 43 -17.52 6.18 -24.29
C THR L 43 -17.59 5.39 -22.98
N VAL L 44 -16.98 4.22 -22.89
CA VAL L 44 -17.06 3.44 -21.66
C VAL L 44 -15.67 3.22 -21.10
N GLU L 45 -14.76 2.75 -21.95
CA GLU L 45 -13.40 2.45 -21.49
C GLU L 45 -12.69 3.68 -20.97
N LYS L 46 -12.88 4.83 -21.63
CA LYS L 46 -12.15 6.04 -21.28
C LYS L 46 -13.07 7.17 -20.83
N ALA L 47 -14.39 6.97 -20.89
CA ALA L 47 -15.29 8.09 -20.59
C ALA L 47 -16.16 7.84 -19.36
N SER L 48 -16.87 6.72 -19.32
CA SER L 48 -17.94 6.53 -18.35
C SER L 48 -17.73 5.38 -17.38
N LEU L 49 -17.37 4.20 -17.90
CA LEU L 49 -17.35 2.94 -17.13
C LEU L 49 -18.75 2.55 -16.65
N CYS L 50 -19.78 3.24 -17.11
CA CYS L 50 -21.17 2.89 -16.85
C CYS L 50 -21.84 2.52 -18.17
N CYS L 51 -22.89 1.71 -18.07
CA CYS L 51 -23.57 1.27 -19.28
C CYS L 51 -24.21 2.46 -19.98
N PRO L 52 -23.99 2.63 -21.29
CA PRO L 52 -24.64 3.70 -22.03
C PRO L 52 -26.15 3.59 -22.06
N PHE L 53 -26.72 2.41 -21.83
CA PHE L 53 -28.16 2.23 -21.91
C PHE L 53 -28.84 2.31 -20.54
N CYS L 54 -28.41 1.48 -19.59
CA CYS L 54 -29.07 1.42 -18.29
C CYS L 54 -28.18 1.78 -17.11
N ARG L 55 -27.12 2.54 -17.35
CA ARG L 55 -26.21 2.99 -16.29
C ARG L 55 -25.43 1.87 -15.58
N ARG L 56 -25.62 0.63 -16.00
CA ARG L 56 -24.93 -0.48 -15.38
C ARG L 56 -23.43 -0.25 -15.38
N ARG L 57 -22.86 -0.03 -14.19
CA ARG L 57 -21.43 0.19 -14.08
C ARG L 57 -20.68 -1.10 -14.34
N VAL L 58 -19.56 -0.99 -15.07
CA VAL L 58 -18.94 -2.15 -15.68
C VAL L 58 -17.44 -2.17 -15.40
N SER L 59 -17.01 -1.33 -14.47
CA SER L 59 -15.57 -1.13 -14.24
C SER L 59 -14.86 -2.43 -13.87
N SER L 60 -15.40 -3.16 -12.90
CA SER L 60 -14.79 -4.44 -12.54
C SER L 60 -14.87 -5.43 -13.69
N TRP L 61 -16.03 -5.48 -14.37
CA TRP L 61 -16.17 -6.28 -15.58
C TRP L 61 -15.17 -5.81 -16.63
N THR L 62 -14.97 -4.49 -16.72
CA THR L 62 -14.01 -3.95 -17.67
C THR L 62 -12.61 -4.47 -17.40
N ARG L 63 -12.20 -4.45 -16.14
CA ARG L 63 -10.88 -4.97 -15.79
C ARG L 63 -10.79 -6.47 -16.07
N TYR L 64 -11.85 -7.20 -15.73
CA TYR L 64 -11.85 -8.65 -15.93
C TYR L 64 -11.66 -9.01 -17.40
N HIS L 65 -12.36 -8.31 -18.29
CA HIS L 65 -12.26 -8.62 -19.71
C HIS L 65 -11.03 -8.00 -20.36
N THR L 66 -10.50 -6.91 -19.82
CA THR L 66 -9.25 -6.35 -20.31
C THR L 66 -8.10 -7.30 -20.03
N ARG L 67 -8.10 -7.89 -18.83
CA ARG L 67 -7.08 -8.88 -18.50
C ARG L 67 -7.19 -10.12 -19.38
N ARG L 68 -8.34 -10.31 -20.02
CA ARG L 68 -8.56 -11.47 -20.87
C ARG L 68 -9.12 -11.06 -22.23
ZN ZN M . -27.20 -1.65 -19.57
ZN ZN N . -20.59 2.96 -32.28
#